data_5YAA
#
_entry.id   5YAA
#
_cell.length_a   163.470
_cell.length_b   163.470
_cell.length_c   56.151
_cell.angle_alpha   90.00
_cell.angle_beta   90.00
_cell.angle_gamma   120.00
#
_symmetry.space_group_name_H-M   'H 3'
#
loop_
_entity.id
_entity.type
_entity.pdbx_description
1 polymer 'Meiosis regulator and mRNA stability factor 1'
2 non-polymer GLYCEROL
3 water water
#
_entity_poly.entity_id   1
_entity_poly.type   'polypeptide(L)'
_entity_poly.pdbx_seq_one_letter_code
;PEVAVTGQVLETLPPIGVFWDIENCSVPSGRSATTVVQRIREKFFRGHREAEFICVCDISKENKEVIQELNNCQVTVAHI
NATAKNAADDKLRQS(MSE)RRFANTHTAPATVVLVSTDVNFALELSDLRHRHGFHIILVHKNQASEAL(MSE)HHANQL
IRFEEFISDLP
;
_entity_poly.pdbx_strand_id   A,B,C,D
#
loop_
_chem_comp.id
_chem_comp.type
_chem_comp.name
_chem_comp.formula
GOL non-polymer GLYCEROL 'C3 H8 O3'
#
# COMPACT_ATOMS: atom_id res chain seq x y z
N THR A 12 0.06 11.77 -31.26
CA THR A 12 1.22 11.91 -30.39
C THR A 12 1.19 10.98 -29.19
N LEU A 13 0.01 10.49 -28.78
CA LEU A 13 0.02 9.64 -27.59
C LEU A 13 -0.31 8.19 -27.93
N PRO A 14 0.40 7.23 -27.36
CA PRO A 14 0.02 5.82 -27.52
C PRO A 14 -1.30 5.53 -26.82
N PRO A 15 -2.11 4.65 -27.39
CA PRO A 15 -3.39 4.30 -26.76
C PRO A 15 -3.20 3.37 -25.58
N ILE A 16 -4.09 3.51 -24.61
CA ILE A 16 -4.20 2.57 -23.51
C ILE A 16 -5.63 2.07 -23.43
N GLY A 17 -5.80 0.80 -23.12
CA GLY A 17 -7.13 0.23 -22.93
C GLY A 17 -7.25 -0.48 -21.61
N VAL A 18 -8.37 -0.27 -20.92
CA VAL A 18 -8.64 -0.92 -19.65
C VAL A 18 -9.80 -1.88 -19.84
N PHE A 19 -9.63 -3.10 -19.34
CA PHE A 19 -10.61 -4.18 -19.49
C PHE A 19 -10.81 -4.71 -18.07
N TRP A 20 -11.97 -4.42 -17.46
CA TRP A 20 -12.17 -4.66 -16.04
C TRP A 20 -13.23 -5.75 -15.86
N ASP A 21 -12.77 -6.89 -15.32
CA ASP A 21 -13.57 -8.08 -15.01
C ASP A 21 -14.13 -7.86 -13.61
N ILE A 22 -15.24 -7.12 -13.56
CA ILE A 22 -15.79 -6.65 -12.30
C ILE A 22 -16.17 -7.80 -11.38
N GLU A 23 -16.72 -8.88 -11.93
CA GLU A 23 -17.14 -9.94 -11.03
C GLU A 23 -15.94 -10.62 -10.35
N ASN A 24 -14.77 -10.60 -10.98
CA ASN A 24 -13.57 -11.18 -10.37
C ASN A 24 -12.77 -10.16 -9.55
N CYS A 25 -12.84 -8.87 -9.89
CA CYS A 25 -12.19 -7.80 -9.14
C CYS A 25 -13.26 -6.74 -8.82
N SER A 26 -14.10 -7.08 -7.85
CA SER A 26 -15.28 -6.30 -7.53
C SER A 26 -14.93 -5.14 -6.57
N VAL A 27 -15.76 -4.10 -6.61
CA VAL A 27 -15.63 -2.98 -5.67
C VAL A 27 -16.35 -3.35 -4.38
N PRO A 28 -15.64 -3.50 -3.27
CA PRO A 28 -16.29 -3.96 -2.03
C PRO A 28 -17.26 -2.92 -1.49
N SER A 29 -18.28 -3.43 -0.79
CA SER A 29 -19.31 -2.58 -0.18
C SER A 29 -18.67 -1.46 0.63
N GLY A 30 -19.19 -0.24 0.44
CA GLY A 30 -18.66 0.94 1.10
C GLY A 30 -17.65 1.71 0.28
N ARG A 31 -17.07 1.10 -0.74
CA ARG A 31 -15.99 1.73 -1.49
C ARG A 31 -16.46 2.30 -2.82
N SER A 32 -15.72 3.32 -3.29
CA SER A 32 -16.10 4.11 -4.45
C SER A 32 -15.50 3.52 -5.71
N ALA A 33 -16.33 3.36 -6.74
CA ALA A 33 -15.82 2.99 -8.06
C ALA A 33 -15.15 4.17 -8.74
N THR A 34 -15.63 5.40 -8.48
CA THR A 34 -15.00 6.60 -9.04
C THR A 34 -13.54 6.67 -8.64
N THR A 35 -13.24 6.39 -7.36
CA THR A 35 -11.84 6.41 -6.94
C THR A 35 -11.05 5.25 -7.54
N VAL A 36 -11.67 4.09 -7.78
CA VAL A 36 -10.98 3.03 -8.49
C VAL A 36 -10.56 3.50 -9.89
N VAL A 37 -11.51 4.09 -10.63
CA VAL A 37 -11.20 4.57 -11.98
C VAL A 37 -10.12 5.65 -11.92
N GLN A 38 -10.30 6.60 -11.02
CA GLN A 38 -9.31 7.66 -10.85
C GLN A 38 -7.92 7.09 -10.57
N ARG A 39 -7.82 6.06 -9.73
CA ARG A 39 -6.49 5.51 -9.43
C ARG A 39 -5.92 4.68 -10.57
N ILE A 40 -6.77 4.00 -11.35
CA ILE A 40 -6.28 3.33 -12.56
C ILE A 40 -5.68 4.35 -13.51
N ARG A 41 -6.37 5.46 -13.71
CA ARG A 41 -5.90 6.47 -14.64
C ARG A 41 -4.62 7.13 -14.13
N GLU A 42 -4.59 7.49 -12.85
CA GLU A 42 -3.40 8.13 -12.28
C GLU A 42 -2.21 7.19 -12.34
N LYS A 43 -2.41 5.89 -12.14
CA LYS A 43 -1.26 5.00 -12.08
C LYS A 43 -0.75 4.58 -13.45
N PHE A 44 -1.64 4.43 -14.44
CA PHE A 44 -1.24 3.87 -15.72
C PHE A 44 -1.33 4.80 -16.93
N PHE A 45 -2.12 5.88 -16.87
CA PHE A 45 -2.43 6.63 -18.10
C PHE A 45 -1.42 7.71 -18.46
N ARG A 46 -0.43 7.98 -17.61
CA ARG A 46 0.59 8.98 -17.94
C ARG A 46 1.13 8.77 -19.34
N GLY A 47 1.08 9.82 -20.16
CA GLY A 47 1.66 9.74 -21.47
C GLY A 47 0.93 8.86 -22.46
N HIS A 48 -0.30 8.46 -22.15
CA HIS A 48 -1.15 7.69 -23.04
C HIS A 48 -2.47 8.44 -23.28
N ARG A 49 -3.19 8.03 -24.30
CA ARG A 49 -4.57 8.47 -24.53
C ARG A 49 -5.49 7.28 -24.29
N GLU A 50 -6.59 7.48 -23.57
CA GLU A 50 -7.57 6.41 -23.37
C GLU A 50 -8.23 6.05 -24.69
N ALA A 51 -8.13 4.77 -25.08
CA ALA A 51 -8.76 4.26 -26.28
C ALA A 51 -9.83 3.22 -25.99
N GLU A 52 -9.83 2.64 -24.80
CA GLU A 52 -10.88 1.70 -24.42
C GLU A 52 -10.96 1.78 -22.91
N PHE A 53 -12.17 1.73 -22.37
CA PHE A 53 -12.34 1.52 -20.95
C PHE A 53 -13.67 0.78 -20.78
N ILE A 54 -13.60 -0.52 -20.57
CA ILE A 54 -14.80 -1.34 -20.53
C ILE A 54 -14.82 -2.11 -19.22
N CYS A 55 -15.99 -2.13 -18.59
CA CYS A 55 -16.19 -2.85 -17.34
C CYS A 55 -17.30 -3.87 -17.60
N VAL A 56 -16.97 -5.16 -17.54
CA VAL A 56 -17.90 -6.20 -17.94
C VAL A 56 -18.47 -6.86 -16.70
N CYS A 57 -19.80 -6.88 -16.58
CA CYS A 57 -20.45 -7.51 -15.43
C CYS A 57 -21.93 -7.77 -15.73
N ASP A 58 -22.58 -8.48 -14.81
CA ASP A 58 -24.03 -8.54 -14.75
C ASP A 58 -24.45 -7.41 -13.82
N ILE A 59 -25.06 -6.35 -14.38
CA ILE A 59 -25.24 -5.14 -13.58
C ILE A 59 -26.28 -5.37 -12.48
N SER A 60 -27.14 -6.37 -12.66
CA SER A 60 -28.13 -6.69 -11.64
C SER A 60 -27.50 -7.25 -10.38
N LYS A 61 -26.29 -7.78 -10.47
CA LYS A 61 -25.62 -8.30 -9.30
C LYS A 61 -24.72 -7.27 -8.63
N GLU A 62 -24.53 -6.11 -9.23
CA GLU A 62 -23.62 -5.12 -8.68
C GLU A 62 -24.40 -4.05 -7.93
N ASN A 63 -23.71 -3.42 -6.99
CA ASN A 63 -24.30 -2.33 -6.23
C ASN A 63 -24.67 -1.22 -7.21
N LYS A 64 -25.90 -0.73 -7.09
CA LYS A 64 -26.40 0.23 -8.05
C LYS A 64 -25.59 1.54 -8.02
N GLU A 65 -25.10 1.95 -6.85
CA GLU A 65 -24.28 3.17 -6.80
C GLU A 65 -22.95 2.97 -7.52
N VAL A 66 -22.41 1.75 -7.46
CA VAL A 66 -21.20 1.43 -8.23
C VAL A 66 -21.44 1.64 -9.71
N ILE A 67 -22.52 1.04 -10.24
CA ILE A 67 -22.90 1.24 -11.64
C ILE A 67 -23.11 2.73 -11.95
N GLN A 68 -23.78 3.45 -11.04
CA GLN A 68 -24.00 4.87 -11.26
C GLN A 68 -22.68 5.62 -11.36
N GLU A 69 -21.73 5.27 -10.50
CA GLU A 69 -20.44 5.96 -10.53
C GLU A 69 -19.68 5.66 -11.81
N LEU A 70 -19.72 4.40 -12.27
CA LEU A 70 -19.06 4.07 -13.54
C LEU A 70 -19.68 4.85 -14.70
N ASN A 71 -21.02 4.92 -14.75
CA ASN A 71 -21.68 5.73 -15.76
C ASN A 71 -21.19 7.17 -15.70
N ASN A 72 -21.07 7.71 -14.49
CA ASN A 72 -20.61 9.10 -14.35
C ASN A 72 -19.15 9.27 -14.75
N CYS A 73 -18.31 8.22 -14.60
CA CYS A 73 -16.93 8.22 -15.06
C CYS A 73 -16.81 8.12 -16.58
N GLN A 74 -17.91 7.95 -17.30
CA GLN A 74 -17.91 7.94 -18.76
C GLN A 74 -17.13 6.76 -19.34
N VAL A 75 -17.15 5.64 -18.64
CA VAL A 75 -16.63 4.39 -19.15
C VAL A 75 -17.79 3.47 -19.50
N THR A 76 -17.50 2.44 -20.28
CA THR A 76 -18.52 1.52 -20.75
C THR A 76 -18.80 0.46 -19.69
N VAL A 77 -20.06 0.30 -19.34
CA VAL A 77 -20.50 -0.79 -18.48
C VAL A 77 -21.18 -1.79 -19.39
N ALA A 78 -20.44 -2.82 -19.79
CA ALA A 78 -20.97 -3.79 -20.72
C ALA A 78 -21.67 -4.88 -19.92
N HIS A 79 -23.00 -4.91 -20.00
CA HIS A 79 -23.79 -5.84 -19.21
C HIS A 79 -23.88 -7.18 -19.90
N ILE A 80 -23.65 -8.26 -19.15
CA ILE A 80 -23.83 -9.62 -19.63
C ILE A 80 -24.70 -10.35 -18.62
N ASN A 81 -25.78 -10.97 -19.10
CA ASN A 81 -26.55 -11.87 -18.23
C ASN A 81 -25.64 -12.98 -17.76
N ALA A 82 -25.45 -13.09 -16.44
CA ALA A 82 -24.57 -14.10 -15.88
C ALA A 82 -25.11 -15.53 -16.05
N THR A 83 -26.35 -15.69 -16.45
CA THR A 83 -26.84 -17.03 -16.69
C THR A 83 -26.12 -17.64 -17.86
N ALA A 84 -25.60 -16.76 -18.69
CA ALA A 84 -24.90 -17.18 -19.80
C ALA A 84 -23.48 -17.45 -19.54
N LYS A 85 -23.20 -18.72 -19.41
CA LYS A 85 -21.90 -19.26 -19.67
C LYS A 85 -20.59 -18.51 -19.28
N ASN A 86 -19.82 -18.42 -20.33
CA ASN A 86 -18.55 -17.80 -20.45
C ASN A 86 -18.84 -16.46 -21.13
N ALA A 87 -20.07 -16.00 -21.12
CA ALA A 87 -20.36 -14.79 -21.88
C ALA A 87 -19.62 -13.54 -21.35
N ALA A 88 -19.30 -13.49 -20.06
CA ALA A 88 -18.49 -12.37 -19.57
C ALA A 88 -17.05 -12.48 -20.08
N ASP A 89 -16.48 -13.68 -19.97
CA ASP A 89 -15.16 -13.93 -20.54
C ASP A 89 -15.14 -13.62 -22.03
N ASP A 90 -16.17 -14.05 -22.76
CA ASP A 90 -16.24 -13.74 -24.19
C ASP A 90 -16.28 -12.23 -24.44
N LYS A 91 -17.03 -11.47 -23.65
CA LYS A 91 -17.09 -10.04 -23.91
C LYS A 91 -15.72 -9.39 -23.71
N LEU A 92 -14.99 -9.84 -22.70
CA LEU A 92 -13.67 -9.26 -22.45
C LEU A 92 -12.68 -9.66 -23.54
N ARG A 93 -12.66 -10.95 -23.92
CA ARG A 93 -11.84 -11.39 -25.04
C ARG A 93 -12.16 -10.61 -26.31
N GLN A 94 -13.45 -10.46 -26.62
CA GLN A 94 -13.83 -9.73 -27.83
C GLN A 94 -13.31 -8.30 -27.80
N SER A 95 -13.44 -7.63 -26.65
CA SER A 95 -13.00 -6.22 -26.57
C SER A 95 -11.49 -6.09 -26.69
N MSE A 96 -10.73 -7.02 -26.10
CA MSE A 96 -9.27 -7.05 -26.21
C MSE A 96 -8.80 -7.36 -27.63
O MSE A 96 -7.87 -6.72 -28.13
CB MSE A 96 -8.67 -8.03 -25.22
CG MSE A 96 -8.61 -7.42 -23.78
SE MSE A 96 -7.67 -8.58 -22.51
CE MSE A 96 -9.04 -9.87 -22.40
N ARG A 97 -9.44 -8.34 -28.29
CA ARG A 97 -9.12 -8.64 -29.69
C ARG A 97 -9.42 -7.44 -30.58
N ARG A 98 -10.56 -6.78 -30.35
CA ARG A 98 -10.88 -5.55 -31.08
C ARG A 98 -9.82 -4.48 -30.86
N PHE A 99 -9.36 -4.30 -29.62
CA PHE A 99 -8.28 -3.37 -29.36
C PHE A 99 -7.03 -3.75 -30.16
N ALA A 100 -6.72 -5.04 -30.22
CA ALA A 100 -5.49 -5.46 -30.90
C ALA A 100 -5.62 -5.30 -32.40
N ASN A 101 -6.84 -5.39 -32.93
CA ASN A 101 -7.13 -5.18 -34.36
C ASN A 101 -7.19 -3.70 -34.75
N THR A 102 -7.48 -2.82 -33.79
CA THR A 102 -7.60 -1.38 -34.02
C THR A 102 -6.27 -0.65 -33.90
N HIS A 103 -5.45 -1.02 -32.93
CA HIS A 103 -4.23 -0.29 -32.60
C HIS A 103 -2.99 -1.09 -32.93
N THR A 104 -1.91 -0.36 -33.17
CA THR A 104 -0.62 -0.94 -33.40
C THR A 104 0.33 -0.42 -32.33
N ALA A 105 1.39 -1.16 -32.08
CA ALA A 105 2.33 -0.79 -31.04
C ALA A 105 3.00 0.55 -31.40
N PRO A 106 3.39 1.35 -30.39
CA PRO A 106 3.24 1.05 -28.96
C PRO A 106 1.82 1.25 -28.46
N ALA A 107 1.39 0.33 -27.60
CA ALA A 107 0.09 0.38 -26.96
C ALA A 107 0.16 -0.38 -25.65
N THR A 108 -0.70 -0.03 -24.71
CA THR A 108 -0.73 -0.64 -23.40
C THR A 108 -2.12 -1.17 -23.12
N VAL A 109 -2.23 -2.38 -22.56
CA VAL A 109 -3.53 -2.87 -22.11
C VAL A 109 -3.45 -3.16 -20.61
N VAL A 110 -4.47 -2.73 -19.89
CA VAL A 110 -4.62 -3.00 -18.48
C VAL A 110 -5.78 -3.98 -18.35
N LEU A 111 -5.48 -5.19 -17.87
CA LEU A 111 -6.52 -6.17 -17.61
C LEU A 111 -6.68 -6.25 -16.11
N VAL A 112 -7.90 -6.01 -15.63
CA VAL A 112 -8.21 -6.08 -14.21
C VAL A 112 -8.97 -7.38 -14.01
N SER A 113 -8.26 -8.47 -13.74
CA SER A 113 -8.90 -9.77 -13.61
C SER A 113 -7.96 -10.70 -12.88
N THR A 114 -8.51 -11.83 -12.44
CA THR A 114 -7.72 -12.92 -11.91
C THR A 114 -7.83 -14.18 -12.76
N ASP A 115 -8.61 -14.14 -13.85
CA ASP A 115 -9.11 -15.35 -14.50
C ASP A 115 -8.10 -15.90 -15.50
N VAL A 116 -7.63 -17.13 -15.25
CA VAL A 116 -6.66 -17.82 -16.10
C VAL A 116 -7.12 -17.93 -17.54
N ASN A 117 -8.42 -17.86 -17.78
CA ASN A 117 -8.95 -17.95 -19.14
C ASN A 117 -8.55 -16.78 -20.03
N PHE A 118 -7.93 -15.75 -19.48
CA PHE A 118 -7.41 -14.66 -20.32
C PHE A 118 -5.93 -14.81 -20.65
N ALA A 119 -5.27 -15.89 -20.20
CA ALA A 119 -3.83 -16.04 -20.42
C ALA A 119 -3.47 -15.90 -21.90
N LEU A 120 -4.16 -16.65 -22.78
CA LEU A 120 -3.85 -16.56 -24.21
C LEU A 120 -3.90 -15.13 -24.69
N GLU A 121 -4.96 -14.42 -24.30
CA GLU A 121 -5.11 -13.05 -24.73
C GLU A 121 -3.89 -12.22 -24.32
N LEU A 122 -3.50 -12.34 -23.04
CA LEU A 122 -2.37 -11.54 -22.56
C LEU A 122 -1.13 -11.90 -23.35
N SER A 123 -0.93 -13.19 -23.62
CA SER A 123 0.24 -13.60 -24.39
C SER A 123 0.17 -13.02 -25.81
N ASP A 124 -0.95 -13.24 -26.51
CA ASP A 124 -1.06 -12.78 -27.89
C ASP A 124 -0.87 -11.27 -27.98
N LEU A 125 -1.47 -10.52 -27.07
CA LEU A 125 -1.35 -9.08 -27.15
C LEU A 125 0.09 -8.65 -26.85
N ARG A 126 0.77 -9.37 -25.96
CA ARG A 126 2.15 -9.03 -25.64
C ARG A 126 3.09 -9.38 -26.79
N HIS A 127 3.00 -10.61 -27.31
CA HIS A 127 4.04 -11.08 -28.23
C HIS A 127 3.67 -10.93 -29.69
N ARG A 128 2.44 -11.28 -30.06
CA ARG A 128 1.97 -11.10 -31.42
C ARG A 128 1.63 -9.65 -31.75
N HIS A 129 1.31 -8.82 -30.75
CA HIS A 129 1.05 -7.42 -31.07
C HIS A 129 2.08 -6.45 -30.50
N GLY A 130 2.98 -6.89 -29.63
CA GLY A 130 3.96 -5.98 -29.07
C GLY A 130 3.44 -5.02 -28.02
N PHE A 131 2.28 -5.29 -27.45
CA PHE A 131 1.67 -4.38 -26.48
C PHE A 131 2.32 -4.57 -25.11
N HIS A 132 2.34 -3.50 -24.32
CA HIS A 132 2.71 -3.58 -22.93
C HIS A 132 1.51 -4.03 -22.11
N ILE A 133 1.68 -5.05 -21.26
CA ILE A 133 0.59 -5.69 -20.52
C ILE A 133 0.68 -5.36 -19.03
N ILE A 134 -0.40 -4.79 -18.49
CA ILE A 134 -0.50 -4.51 -17.07
C ILE A 134 -1.64 -5.38 -16.53
N LEU A 135 -1.31 -6.26 -15.58
CA LEU A 135 -2.30 -7.13 -14.94
C LEU A 135 -2.58 -6.62 -13.53
N VAL A 136 -3.83 -6.23 -13.27
CA VAL A 136 -4.26 -5.81 -11.95
C VAL A 136 -5.10 -6.95 -11.41
N HIS A 137 -4.65 -7.56 -10.32
CA HIS A 137 -5.23 -8.82 -9.91
C HIS A 137 -5.40 -8.84 -8.40
N LYS A 138 -6.38 -9.60 -7.96
CA LYS A 138 -6.46 -9.84 -6.52
C LYS A 138 -5.48 -10.96 -6.17
N ASN A 139 -5.20 -11.09 -4.88
CA ASN A 139 -4.43 -12.24 -4.44
C ASN A 139 -5.19 -13.51 -4.83
N GLN A 140 -4.43 -14.58 -5.06
CA GLN A 140 -4.92 -15.85 -5.59
C GLN A 140 -5.16 -15.75 -7.08
N ALA A 141 -4.28 -15.03 -7.78
CA ALA A 141 -4.39 -14.90 -9.22
C ALA A 141 -3.65 -16.04 -9.90
N SER A 142 -4.12 -16.41 -11.10
CA SER A 142 -3.51 -17.49 -11.84
C SER A 142 -2.09 -17.13 -12.23
N GLU A 143 -1.14 -17.97 -11.81
CA GLU A 143 0.26 -17.77 -12.13
C GLU A 143 0.51 -17.89 -13.64
N ALA A 144 -0.21 -18.81 -14.30
CA ALA A 144 -0.19 -18.85 -15.76
C ALA A 144 -0.60 -17.51 -16.35
N LEU A 145 -1.56 -16.83 -15.72
CA LEU A 145 -1.93 -15.49 -16.14
C LEU A 145 -0.87 -14.48 -15.78
N MSE A 146 -0.26 -14.59 -14.61
CA MSE A 146 0.71 -13.61 -14.20
C MSE A 146 1.95 -13.60 -14.98
O MSE A 146 2.54 -12.58 -15.13
CB MSE A 146 1.05 -13.82 -12.72
CG MSE A 146 -0.19 -13.56 -11.91
SE MSE A 146 0.00 -13.78 -9.94
CE MSE A 146 1.52 -12.69 -9.57
N HIS A 147 2.33 -14.77 -15.50
CA HIS A 147 3.56 -14.87 -16.28
C HIS A 147 3.54 -14.00 -17.54
N HIS A 148 2.37 -13.77 -18.11
CA HIS A 148 2.37 -12.98 -19.36
C HIS A 148 2.46 -11.48 -19.15
N ALA A 149 2.21 -10.97 -17.95
CA ALA A 149 2.16 -9.53 -17.78
C ALA A 149 3.57 -8.95 -17.73
N ASN A 150 3.69 -7.74 -18.29
CA ASN A 150 4.90 -6.96 -18.07
C ASN A 150 4.95 -6.36 -16.67
N GLN A 151 3.80 -5.89 -16.14
CA GLN A 151 3.80 -5.45 -14.74
C GLN A 151 2.57 -6.02 -14.04
N LEU A 152 2.78 -6.44 -12.81
CA LEU A 152 1.74 -7.00 -11.96
C LEU A 152 1.44 -6.04 -10.82
N ILE A 153 0.16 -5.75 -10.60
CA ILE A 153 -0.27 -4.84 -9.55
C ILE A 153 -1.41 -5.50 -8.80
N ARG A 154 -1.40 -5.39 -7.46
CA ARG A 154 -2.48 -5.97 -6.68
C ARG A 154 -3.70 -5.06 -6.72
N PHE A 155 -4.87 -5.66 -6.92
CA PHE A 155 -6.10 -4.89 -7.00
C PHE A 155 -6.42 -4.19 -5.70
N GLU A 156 -5.90 -4.68 -4.58
CA GLU A 156 -6.15 -4.07 -3.26
C GLU A 156 -5.69 -2.62 -3.23
N GLU A 157 -4.70 -2.25 -4.04
CA GLU A 157 -4.24 -0.87 -4.09
C GLU A 157 -5.32 0.09 -4.55
N PHE A 158 -6.33 -0.40 -5.26
CA PHE A 158 -7.34 0.48 -5.83
C PHE A 158 -8.59 0.56 -4.98
N ILE A 159 -8.72 -0.28 -3.95
CA ILE A 159 -9.94 -0.40 -3.16
C ILE A 159 -9.67 -0.29 -1.66
N SER A 160 -8.59 0.37 -1.25
CA SER A 160 -8.36 0.60 0.18
C SER A 160 -7.92 2.05 0.38
N ASP A 161 -7.54 2.36 1.61
CA ASP A 161 -7.07 3.70 1.97
C ASP A 161 -5.59 3.67 2.32
N THR B 12 -16.09 -38.14 26.54
CA THR B 12 -16.10 -37.11 27.57
C THR B 12 -15.57 -35.77 27.07
N LEU B 13 -14.85 -35.78 25.93
CA LEU B 13 -14.35 -34.51 25.41
C LEU B 13 -15.14 -34.09 24.17
N PRO B 14 -15.53 -32.82 24.07
CA PRO B 14 -16.17 -32.36 22.83
C PRO B 14 -15.17 -32.40 21.69
N PRO B 15 -15.61 -32.73 20.47
CA PRO B 15 -14.70 -32.74 19.32
C PRO B 15 -14.40 -31.33 18.83
N ILE B 16 -13.19 -31.16 18.29
CA ILE B 16 -12.82 -29.94 17.58
C ILE B 16 -12.34 -30.33 16.20
N GLY B 17 -12.67 -29.51 15.22
CA GLY B 17 -12.17 -29.71 13.87
C GLY B 17 -11.53 -28.45 13.35
N VAL B 18 -10.38 -28.63 12.69
CA VAL B 18 -9.65 -27.52 12.07
C VAL B 18 -9.71 -27.70 10.56
N PHE B 19 -10.02 -26.61 9.86
CA PHE B 19 -10.19 -26.63 8.41
C PHE B 19 -9.34 -25.49 7.88
N TRP B 20 -8.21 -25.83 7.25
CA TRP B 20 -7.20 -24.82 6.93
C TRP B 20 -7.11 -24.65 5.42
N ASP B 21 -7.52 -23.45 4.96
CA ASP B 21 -7.49 -23.01 3.57
C ASP B 21 -6.10 -22.40 3.37
N ILE B 22 -5.10 -23.28 3.24
CA ILE B 22 -3.71 -22.81 3.28
C ILE B 22 -3.36 -21.94 2.07
N GLU B 23 -4.04 -22.10 0.93
CA GLU B 23 -3.75 -21.20 -0.19
C GLU B 23 -4.07 -19.76 0.18
N ASN B 24 -5.09 -19.56 1.00
CA ASN B 24 -5.47 -18.22 1.44
C ASN B 24 -4.64 -17.79 2.66
N CYS B 25 -4.54 -18.65 3.68
CA CYS B 25 -3.75 -18.37 4.88
C CYS B 25 -2.47 -19.21 4.80
N SER B 26 -1.54 -18.76 3.97
CA SER B 26 -0.34 -19.52 3.68
C SER B 26 0.73 -19.28 4.74
N VAL B 27 1.62 -20.26 4.88
CA VAL B 27 2.78 -20.13 5.77
C VAL B 27 3.87 -19.43 4.99
N PRO B 28 4.27 -18.21 5.37
CA PRO B 28 5.26 -17.49 4.58
C PRO B 28 6.61 -18.18 4.60
N SER B 29 7.35 -18.03 3.49
CA SER B 29 8.66 -18.67 3.35
C SER B 29 9.55 -18.38 4.55
N GLY B 30 10.17 -19.43 5.08
CA GLY B 30 11.00 -19.35 6.25
C GLY B 30 10.33 -19.76 7.54
N ARG B 31 9.00 -19.78 7.59
CA ARG B 31 8.28 -20.09 8.82
C ARG B 31 7.83 -21.54 8.83
N SER B 32 7.68 -22.08 10.04
CA SER B 32 7.46 -23.49 10.26
C SER B 32 5.97 -23.78 10.31
N ALA B 33 5.54 -24.79 9.55
CA ALA B 33 4.16 -25.24 9.62
C ALA B 33 3.89 -26.03 10.90
N THR B 34 4.91 -26.75 11.39
CA THR B 34 4.79 -27.46 12.66
C THR B 34 4.44 -26.51 13.80
N THR B 35 5.11 -25.36 13.85
CA THR B 35 4.79 -24.40 14.89
C THR B 35 3.41 -23.78 14.68
N VAL B 36 2.96 -23.63 13.43
CA VAL B 36 1.59 -23.17 13.20
C VAL B 36 0.58 -24.17 13.80
N VAL B 37 0.77 -25.46 13.50
CA VAL B 37 -0.14 -26.48 14.04
C VAL B 37 -0.06 -26.51 15.56
N GLN B 38 1.15 -26.50 16.10
CA GLN B 38 1.34 -26.50 17.55
C GLN B 38 0.61 -25.32 18.18
N ARG B 39 0.67 -24.14 17.58
CA ARG B 39 -0.01 -22.99 18.16
C ARG B 39 -1.54 -23.04 18.00
N ILE B 40 -2.04 -23.65 16.92
CA ILE B 40 -3.47 -23.88 16.79
C ILE B 40 -3.94 -24.80 17.91
N ARG B 41 -3.20 -25.89 18.15
CA ARG B 41 -3.61 -26.84 19.18
C ARG B 41 -3.50 -26.23 20.57
N GLU B 42 -2.40 -25.53 20.86
CA GLU B 42 -2.23 -24.94 22.19
C GLU B 42 -3.31 -23.91 22.46
N LYS B 43 -3.71 -23.17 21.43
CA LYS B 43 -4.61 -22.04 21.66
C LYS B 43 -6.09 -22.46 21.68
N PHE B 44 -6.47 -23.47 20.91
CA PHE B 44 -7.87 -23.84 20.75
C PHE B 44 -8.27 -25.21 21.29
N PHE B 45 -7.33 -26.15 21.45
CA PHE B 45 -7.71 -27.54 21.71
C PHE B 45 -7.85 -27.90 23.19
N ARG B 46 -7.63 -26.98 24.13
CA ARG B 46 -7.75 -27.43 25.52
C ARG B 46 -9.16 -27.91 25.80
N GLY B 47 -9.26 -29.02 26.50
CA GLY B 47 -10.55 -29.60 26.82
C GLY B 47 -11.32 -30.12 25.64
N HIS B 48 -10.68 -30.29 24.49
CA HIS B 48 -11.30 -30.87 23.31
C HIS B 48 -10.51 -32.11 22.88
N ARG B 49 -11.15 -32.94 22.06
CA ARG B 49 -10.47 -34.02 21.37
C ARG B 49 -10.46 -33.70 19.87
N GLU B 50 -9.31 -33.87 19.23
CA GLU B 50 -9.24 -33.63 17.79
C GLU B 50 -10.09 -34.65 17.02
N ALA B 51 -11.04 -34.14 16.22
CA ALA B 51 -11.84 -35.00 15.37
C ALA B 51 -11.62 -34.75 13.88
N GLU B 52 -11.07 -33.61 13.50
CA GLU B 52 -10.75 -33.31 12.10
C GLU B 52 -9.57 -32.36 12.12
N PHE B 53 -8.65 -32.57 11.20
CA PHE B 53 -7.62 -31.56 10.96
C PHE B 53 -7.22 -31.70 9.49
N ILE B 54 -7.72 -30.81 8.67
CA ILE B 54 -7.52 -30.97 7.24
C ILE B 54 -6.93 -29.68 6.70
N CYS B 55 -5.95 -29.80 5.82
N CYS B 55 -5.88 -29.81 5.89
CA CYS B 55 -5.32 -28.66 5.17
CA CYS B 55 -5.31 -28.71 5.15
C CYS B 55 -5.44 -28.88 3.68
C CYS B 55 -5.60 -28.97 3.68
N VAL B 56 -6.15 -27.99 2.99
CA VAL B 56 -6.51 -28.13 1.59
C VAL B 56 -5.63 -27.21 0.76
N CYS B 57 -4.93 -27.78 -0.23
CA CYS B 57 -4.09 -27.01 -1.13
C CYS B 57 -3.77 -27.82 -2.38
N ASP B 58 -3.17 -27.13 -3.33
CA ASP B 58 -2.48 -27.77 -4.45
C ASP B 58 -1.04 -27.94 -4.00
N ILE B 59 -0.66 -29.17 -3.67
CA ILE B 59 0.64 -29.34 -3.02
C ILE B 59 1.77 -29.02 -3.98
N SER B 60 1.50 -29.04 -5.29
CA SER B 60 2.53 -28.69 -6.26
C SER B 60 2.90 -27.22 -6.18
N LYS B 61 2.01 -26.37 -5.67
CA LYS B 61 2.27 -24.94 -5.51
C LYS B 61 2.79 -24.58 -4.13
N GLU B 62 2.87 -25.54 -3.21
CA GLU B 62 3.27 -25.25 -1.84
C GLU B 62 4.71 -25.65 -1.61
N ASN B 63 5.31 -25.02 -0.60
CA ASN B 63 6.69 -25.32 -0.23
C ASN B 63 6.79 -26.78 0.20
N LYS B 64 7.79 -27.48 -0.32
CA LYS B 64 7.96 -28.91 -0.02
C LYS B 64 8.10 -29.17 1.47
N GLU B 65 8.84 -28.32 2.17
CA GLU B 65 9.08 -28.52 3.60
C GLU B 65 7.81 -28.25 4.42
N VAL B 66 6.99 -27.30 3.97
CA VAL B 66 5.69 -27.08 4.62
C VAL B 66 4.85 -28.35 4.53
N ILE B 67 4.72 -28.91 3.33
CA ILE B 67 3.98 -30.16 3.15
C ILE B 67 4.56 -31.25 4.06
N GLN B 68 5.89 -31.38 4.09
CA GLN B 68 6.51 -32.40 4.94
C GLN B 68 6.16 -32.20 6.41
N GLU B 69 6.19 -30.95 6.88
CA GLU B 69 5.90 -30.69 8.28
C GLU B 69 4.45 -31.04 8.61
N LEU B 70 3.53 -30.70 7.70
CA LEU B 70 2.12 -31.06 7.94
C LEU B 70 1.96 -32.58 8.02
N ASN B 71 2.58 -33.32 7.08
CA ASN B 71 2.56 -34.78 7.16
C ASN B 71 3.08 -35.26 8.52
N ASN B 72 4.18 -34.68 8.99
CA ASN B 72 4.76 -35.13 10.26
C ASN B 72 3.88 -34.80 11.45
N CYS B 73 3.08 -33.73 11.35
CA CYS B 73 2.12 -33.39 12.40
C CYS B 73 0.92 -34.32 12.40
N GLN B 74 0.81 -35.24 11.44
CA GLN B 74 -0.24 -36.24 11.37
C GLN B 74 -1.61 -35.63 11.10
N VAL B 75 -1.62 -34.55 10.33
CA VAL B 75 -2.86 -33.98 9.84
C VAL B 75 -2.98 -34.27 8.35
N THR B 76 -4.21 -34.14 7.85
CA THR B 76 -4.49 -34.47 6.46
C THR B 76 -4.13 -33.29 5.57
N VAL B 77 -3.33 -33.56 4.54
CA VAL B 77 -3.05 -32.61 3.46
C VAL B 77 -3.84 -33.10 2.25
N ALA B 78 -5.00 -32.51 2.05
CA ALA B 78 -5.92 -32.90 1.00
C ALA B 78 -5.57 -32.08 -0.23
N HIS B 79 -5.05 -32.76 -1.25
CA HIS B 79 -4.58 -32.10 -2.47
C HIS B 79 -5.73 -31.87 -3.43
N ILE B 80 -5.83 -30.67 -3.98
CA ILE B 80 -6.76 -30.37 -5.05
C ILE B 80 -5.99 -29.68 -6.16
N ASN B 81 -6.19 -30.11 -7.40
CA ASN B 81 -5.64 -29.33 -8.49
C ASN B 81 -6.27 -27.94 -8.42
N ALA B 82 -5.45 -26.92 -8.15
CA ALA B 82 -5.93 -25.54 -8.00
C ALA B 82 -6.37 -24.91 -9.31
N THR B 83 -6.09 -25.53 -10.45
CA THR B 83 -6.62 -25.00 -11.70
C THR B 83 -8.12 -25.15 -11.78
N ALA B 84 -8.68 -26.14 -11.07
CA ALA B 84 -10.12 -26.24 -10.94
C ALA B 84 -10.63 -25.08 -10.10
N LYS B 85 -11.64 -24.38 -10.61
CA LYS B 85 -12.01 -23.06 -10.11
C LYS B 85 -12.22 -23.05 -8.60
N ASN B 86 -13.19 -23.82 -8.12
CA ASN B 86 -13.58 -23.78 -6.71
C ASN B 86 -13.44 -25.14 -6.03
N ALA B 87 -12.46 -25.95 -6.46
CA ALA B 87 -12.30 -27.27 -5.88
C ALA B 87 -11.79 -27.21 -4.44
N ALA B 88 -11.02 -26.17 -4.08
CA ALA B 88 -10.55 -26.03 -2.70
C ALA B 88 -11.70 -25.67 -1.77
N ASP B 89 -12.49 -24.67 -2.18
CA ASP B 89 -13.68 -24.30 -1.42
C ASP B 89 -14.61 -25.50 -1.25
N ASP B 90 -14.87 -26.23 -2.34
CA ASP B 90 -15.70 -27.42 -2.23
C ASP B 90 -15.11 -28.45 -1.28
N LYS B 91 -13.80 -28.67 -1.31
CA LYS B 91 -13.25 -29.68 -0.41
C LYS B 91 -13.46 -29.28 1.04
N LEU B 92 -13.27 -27.98 1.35
CA LEU B 92 -13.41 -27.56 2.74
C LEU B 92 -14.87 -27.55 3.17
N ARG B 93 -15.77 -27.11 2.30
CA ARG B 93 -17.20 -27.16 2.62
C ARG B 93 -17.66 -28.60 2.81
N GLN B 94 -17.20 -29.51 1.96
CA GLN B 94 -17.54 -30.91 2.12
C GLN B 94 -17.06 -31.43 3.47
N SER B 95 -15.83 -31.10 3.86
CA SER B 95 -15.30 -31.62 5.11
C SER B 95 -16.02 -31.04 6.33
N MSE B 96 -16.35 -29.75 6.29
CA MSE B 96 -17.12 -29.13 7.37
C MSE B 96 -18.55 -29.71 7.47
O MSE B 96 -19.01 -29.99 8.56
CB MSE B 96 -17.15 -27.61 7.20
CG MSE B 96 -15.90 -26.92 7.78
SE MSE B 96 -16.00 -24.95 7.48
CE MSE B 96 -15.76 -24.96 5.63
N ARG B 97 -19.21 -29.93 6.33
CA ARG B 97 -20.52 -30.58 6.34
C ARG B 97 -20.44 -31.99 6.89
N ARG B 98 -19.40 -32.73 6.51
CA ARG B 98 -19.19 -34.07 7.08
C ARG B 98 -19.02 -34.02 8.59
N PHE B 99 -18.22 -33.06 9.07
CA PHE B 99 -18.06 -32.86 10.51
C PHE B 99 -19.42 -32.57 11.15
N ALA B 100 -20.26 -31.75 10.50
CA ALA B 100 -21.53 -31.40 11.13
C ALA B 100 -22.47 -32.59 11.13
N ASN B 101 -22.34 -33.47 10.15
CA ASN B 101 -23.17 -34.67 10.07
C ASN B 101 -22.69 -35.75 11.02
N THR B 102 -21.43 -35.71 11.43
CA THR B 102 -20.87 -36.70 12.33
C THR B 102 -21.08 -36.38 13.80
N HIS B 103 -20.90 -35.12 14.18
CA HIS B 103 -20.84 -34.72 15.56
C HIS B 103 -22.07 -33.90 15.93
N THR B 104 -22.40 -33.96 17.19
CA THR B 104 -23.47 -33.16 17.74
C THR B 104 -22.86 -32.28 18.82
N ALA B 105 -23.55 -31.19 19.10
CA ALA B 105 -23.05 -30.23 20.05
C ALA B 105 -22.97 -30.84 21.45
N PRO B 106 -22.01 -30.40 22.28
CA PRO B 106 -21.03 -29.34 22.00
C PRO B 106 -19.88 -29.77 21.08
N ALA B 107 -19.53 -28.88 20.16
CA ALA B 107 -18.42 -29.14 19.25
C ALA B 107 -17.85 -27.79 18.82
N THR B 108 -16.59 -27.78 18.44
CA THR B 108 -15.95 -26.55 18.02
C THR B 108 -15.37 -26.72 16.62
N VAL B 109 -15.53 -25.69 15.79
CA VAL B 109 -14.97 -25.67 14.45
C VAL B 109 -13.99 -24.51 14.36
N VAL B 110 -12.80 -24.78 13.87
CA VAL B 110 -11.80 -23.75 13.61
C VAL B 110 -11.62 -23.66 12.09
N LEU B 111 -11.99 -22.54 11.48
CA LEU B 111 -11.79 -22.33 10.05
C LEU B 111 -10.66 -21.33 9.89
N VAL B 112 -9.62 -21.74 9.16
CA VAL B 112 -8.48 -20.87 8.88
C VAL B 112 -8.59 -20.42 7.43
N SER B 113 -9.30 -19.31 7.21
CA SER B 113 -9.57 -18.81 5.88
C SER B 113 -9.98 -17.34 5.96
N THR B 114 -9.94 -16.68 4.81
CA THR B 114 -10.44 -15.33 4.64
C THR B 114 -11.62 -15.30 3.67
N ASP B 115 -12.03 -16.46 3.15
CA ASP B 115 -12.89 -16.53 1.97
C ASP B 115 -14.36 -16.41 2.37
N VAL B 116 -15.00 -15.32 1.94
CA VAL B 116 -16.42 -15.07 2.25
C VAL B 116 -17.31 -16.21 1.79
N ASN B 117 -16.86 -17.01 0.84
CA ASN B 117 -17.68 -18.12 0.34
C ASN B 117 -17.94 -19.19 1.41
N PHE B 118 -17.29 -19.12 2.56
CA PHE B 118 -17.57 -20.06 3.64
C PHE B 118 -18.60 -19.54 4.62
N ALA B 119 -19.12 -18.33 4.40
CA ALA B 119 -20.06 -17.74 5.36
C ALA B 119 -21.22 -18.69 5.69
N LEU B 120 -21.86 -19.26 4.67
CA LEU B 120 -23.00 -20.14 4.91
C LEU B 120 -22.58 -21.27 5.84
N GLU B 121 -21.43 -21.89 5.58
CA GLU B 121 -21.00 -22.97 6.45
C GLU B 121 -20.87 -22.50 7.88
N LEU B 122 -20.20 -21.35 8.10
CA LEU B 122 -20.02 -20.88 9.47
C LEU B 122 -21.39 -20.65 10.09
N SER B 123 -22.29 -20.00 9.35
CA SER B 123 -23.61 -19.73 9.92
C SER B 123 -24.32 -21.04 10.24
N ASP B 124 -24.39 -21.96 9.27
CA ASP B 124 -25.12 -23.20 9.51
C ASP B 124 -24.54 -23.97 10.68
N LEU B 125 -23.21 -23.99 10.79
CA LEU B 125 -22.65 -24.82 11.85
C LEU B 125 -22.90 -24.17 13.21
N ARG B 126 -22.91 -22.85 13.25
CA ARG B 126 -23.16 -22.14 14.50
C ARG B 126 -24.60 -22.29 14.94
N HIS B 127 -25.55 -22.01 14.03
CA HIS B 127 -26.95 -21.89 14.44
C HIS B 127 -27.76 -23.15 14.22
N ARG B 128 -27.53 -23.85 13.12
CA ARG B 128 -28.27 -25.08 12.87
C ARG B 128 -27.63 -26.28 13.55
N HIS B 129 -26.37 -26.18 13.95
CA HIS B 129 -25.76 -27.30 14.67
C HIS B 129 -25.31 -26.95 16.08
N GLY B 130 -25.34 -25.69 16.46
CA GLY B 130 -24.94 -25.30 17.81
C GLY B 130 -23.45 -25.33 18.07
N PHE B 131 -22.62 -25.35 17.04
CA PHE B 131 -21.17 -25.48 17.23
C PHE B 131 -20.59 -24.12 17.57
N HIS B 132 -19.51 -24.12 18.35
CA HIS B 132 -18.72 -22.92 18.59
C HIS B 132 -17.78 -22.69 17.41
N ILE B 133 -17.80 -21.48 16.82
CA ILE B 133 -17.09 -21.16 15.59
C ILE B 133 -15.88 -20.27 15.89
N ILE B 134 -14.70 -20.71 15.43
CA ILE B 134 -13.46 -19.95 15.56
C ILE B 134 -12.97 -19.62 14.15
N LEU B 135 -12.86 -18.32 13.83
CA LEU B 135 -12.36 -17.88 12.53
C LEU B 135 -10.95 -17.32 12.70
N VAL B 136 -9.98 -17.94 12.02
CA VAL B 136 -8.60 -17.48 11.96
C VAL B 136 -8.39 -16.90 10.57
N HIS B 137 -8.17 -15.58 10.48
CA HIS B 137 -8.30 -14.89 9.20
C HIS B 137 -7.19 -13.86 9.03
N LYS B 138 -6.88 -13.55 7.77
CA LYS B 138 -5.98 -12.46 7.42
C LYS B 138 -6.73 -11.12 7.38
N ASN B 139 -5.96 -10.03 7.25
CA ASN B 139 -6.44 -8.67 7.49
C ASN B 139 -7.49 -8.14 6.51
N GLN B 140 -7.98 -8.96 5.58
CA GLN B 140 -8.86 -8.44 4.54
C GLN B 140 -10.23 -9.10 4.51
N ALA B 141 -10.60 -9.89 5.52
CA ALA B 141 -11.82 -10.67 5.40
C ALA B 141 -13.06 -9.80 5.49
N SER B 142 -14.09 -10.23 4.76
CA SER B 142 -15.35 -9.52 4.75
C SER B 142 -16.00 -9.61 6.13
N GLU B 143 -16.64 -8.53 6.57
CA GLU B 143 -17.42 -8.62 7.80
C GLU B 143 -18.55 -9.63 7.67
N ALA B 144 -19.01 -9.90 6.45
CA ALA B 144 -20.02 -10.94 6.24
C ALA B 144 -19.52 -12.29 6.74
N LEU B 145 -18.23 -12.59 6.52
CA LEU B 145 -17.65 -13.82 7.07
C LEU B 145 -17.44 -13.71 8.58
N MSE B 146 -16.84 -12.64 9.02
CA MSE B 146 -16.50 -12.45 10.42
C MSE B 146 -17.66 -12.47 11.36
O MSE B 146 -17.52 -12.84 12.50
CB MSE B 146 -15.78 -11.13 10.62
CG MSE B 146 -14.49 -11.24 9.87
SE MSE B 146 -13.26 -9.76 10.21
CE MSE B 146 -12.06 -10.27 8.77
N HIS B 147 -18.77 -11.97 10.85
CA HIS B 147 -19.97 -11.83 11.67
C HIS B 147 -20.43 -13.16 12.22
N HIS B 148 -20.16 -14.27 11.53
CA HIS B 148 -20.63 -15.55 12.02
C HIS B 148 -19.76 -16.17 13.10
N ALA B 149 -18.51 -15.74 13.25
CA ALA B 149 -17.64 -16.44 14.19
C ALA B 149 -17.98 -16.03 15.62
N ASN B 150 -17.87 -16.99 16.54
CA ASN B 150 -17.91 -16.66 17.96
C ASN B 150 -16.62 -16.00 18.40
N GLN B 151 -15.47 -16.44 17.87
CA GLN B 151 -14.25 -15.72 18.20
C GLN B 151 -13.45 -15.55 16.91
N LEU B 152 -12.86 -14.37 16.76
CA LEU B 152 -12.02 -14.02 15.63
C LEU B 152 -10.57 -13.89 16.09
N ILE B 153 -9.67 -14.52 15.36
CA ILE B 153 -8.24 -14.53 15.64
C ILE B 153 -7.51 -14.19 14.35
N ARG B 154 -6.54 -13.29 14.44
CA ARG B 154 -5.76 -12.95 13.25
C ARG B 154 -4.72 -14.04 12.99
N PHE B 155 -4.68 -14.51 11.74
CA PHE B 155 -3.74 -15.55 11.34
C PHE B 155 -2.29 -15.15 11.57
N GLU B 156 -2.01 -13.85 11.58
CA GLU B 156 -0.66 -13.36 11.82
C GLU B 156 -0.11 -13.83 13.15
N GLU B 157 -0.98 -14.19 14.11
CA GLU B 157 -0.50 -14.72 15.38
C GLU B 157 0.29 -16.01 15.19
N PHE B 158 -0.09 -16.83 14.22
CA PHE B 158 0.46 -18.18 14.10
C PHE B 158 1.75 -18.23 13.30
N ILE B 159 2.10 -17.14 12.62
CA ILE B 159 3.22 -17.15 11.67
C ILE B 159 4.16 -16.01 11.99
N SER B 160 4.18 -15.58 13.25
CA SER B 160 5.00 -14.46 13.66
C SER B 160 5.84 -14.82 14.88
N ASP B 161 6.74 -13.91 15.22
CA ASP B 161 7.38 -13.82 16.53
C ASP B 161 7.80 -15.15 17.12
N LEU C 13 23.00 11.19 -15.53
CA LEU C 13 22.02 10.32 -14.88
C LEU C 13 21.78 10.76 -13.46
N PRO C 14 20.52 10.80 -13.03
CA PRO C 14 20.22 11.05 -11.62
C PRO C 14 20.74 9.91 -10.76
N PRO C 15 21.24 10.21 -9.57
CA PRO C 15 21.71 9.16 -8.67
C PRO C 15 20.55 8.42 -8.01
N ILE C 16 20.77 7.13 -7.76
CA ILE C 16 19.86 6.31 -6.94
C ILE C 16 20.67 5.70 -5.81
N GLY C 17 20.08 5.63 -4.64
CA GLY C 17 20.70 4.97 -3.50
C GLY C 17 19.77 3.94 -2.90
N VAL C 18 20.35 2.79 -2.58
CA VAL C 18 19.60 1.71 -1.94
C VAL C 18 20.12 1.54 -0.54
N PHE C 19 19.18 1.44 0.42
CA PHE C 19 19.48 1.31 1.84
C PHE C 19 18.68 0.12 2.35
N TRP C 20 19.37 -0.98 2.63
CA TRP C 20 18.70 -2.25 2.85
C TRP C 20 18.89 -2.66 4.31
N ASP C 21 17.77 -2.67 5.03
CA ASP C 21 17.66 -3.15 6.41
C ASP C 21 17.36 -4.65 6.36
N ILE C 22 18.45 -5.38 6.11
CA ILE C 22 18.60 -6.83 6.14
C ILE C 22 17.87 -7.51 7.28
N GLU C 23 17.90 -6.92 8.47
CA GLU C 23 17.33 -7.55 9.65
C GLU C 23 15.82 -7.70 9.51
N ASN C 24 15.15 -6.65 9.03
CA ASN C 24 13.71 -6.68 8.86
C ASN C 24 13.33 -7.36 7.55
N CYS C 25 13.98 -7.00 6.46
CA CYS C 25 13.68 -7.57 5.15
C CYS C 25 14.78 -8.56 4.78
N SER C 26 14.74 -9.70 5.47
CA SER C 26 15.79 -10.70 5.36
C SER C 26 15.56 -11.61 4.15
N VAL C 27 16.65 -12.19 3.67
CA VAL C 27 16.57 -13.18 2.58
C VAL C 27 16.43 -14.55 3.28
N PRO C 28 15.25 -15.19 3.11
CA PRO C 28 15.05 -16.47 3.82
C PRO C 28 16.03 -17.52 3.33
N SER C 29 16.47 -18.43 4.23
CA SER C 29 17.44 -19.46 3.85
C SER C 29 16.95 -20.23 2.63
N GLY C 30 17.87 -20.46 1.71
CA GLY C 30 17.56 -21.10 0.45
C GLY C 30 17.36 -20.12 -0.69
N ARG C 31 17.13 -18.86 -0.36
CA ARG C 31 16.86 -17.83 -1.34
C ARG C 31 18.13 -17.04 -1.61
N SER C 32 18.21 -16.48 -2.83
CA SER C 32 19.43 -15.87 -3.32
C SER C 32 19.44 -14.37 -3.05
N ALA C 33 20.55 -13.88 -2.46
CA ALA C 33 20.71 -12.43 -2.33
C ALA C 33 21.10 -11.77 -3.64
N THR C 34 21.87 -12.46 -4.49
CA THR C 34 22.20 -11.93 -5.82
C THR C 34 20.95 -11.62 -6.64
N THR C 35 19.96 -12.51 -6.60
CA THR C 35 18.73 -12.23 -7.32
C THR C 35 17.94 -11.10 -6.68
N VAL C 36 18.01 -10.94 -5.36
CA VAL C 36 17.40 -9.76 -4.75
C VAL C 36 18.02 -8.50 -5.31
N VAL C 37 19.36 -8.43 -5.33
CA VAL C 37 20.03 -7.23 -5.82
C VAL C 37 19.73 -7.02 -7.30
N GLN C 38 19.82 -8.09 -8.10
CA GLN C 38 19.50 -7.98 -9.52
C GLN C 38 18.07 -7.48 -9.74
N ARG C 39 17.11 -7.97 -8.95
CA ARG C 39 15.74 -7.52 -9.16
C ARG C 39 15.52 -6.09 -8.67
N ILE C 40 16.25 -5.67 -7.62
CA ILE C 40 16.20 -4.27 -7.21
C ILE C 40 16.72 -3.38 -8.33
N ARG C 41 17.85 -3.76 -8.91
CA ARG C 41 18.43 -2.93 -9.96
C ARG C 41 17.54 -2.91 -11.20
N GLU C 42 17.02 -4.09 -11.60
CA GLU C 42 16.17 -4.15 -12.78
C GLU C 42 14.91 -3.33 -12.59
N LYS C 43 14.33 -3.33 -11.38
CA LYS C 43 13.06 -2.61 -11.30
C LYS C 43 13.23 -1.11 -11.06
N PHE C 44 14.30 -0.68 -10.38
CA PHE C 44 14.42 0.70 -9.95
C PHE C 44 15.51 1.53 -10.62
N PHE C 45 16.55 0.91 -11.19
CA PHE C 45 17.74 1.62 -11.63
C PHE C 45 17.69 2.12 -13.07
N ARG C 46 16.63 1.81 -13.81
CA ARG C 46 16.48 2.30 -15.17
C ARG C 46 16.66 3.81 -15.22
N GLY C 47 17.56 4.27 -16.07
CA GLY C 47 17.78 5.70 -16.21
C GLY C 47 18.45 6.37 -15.02
N HIS C 48 19.03 5.61 -14.10
CA HIS C 48 19.75 6.16 -12.95
C HIS C 48 21.18 5.63 -12.95
N ARG C 49 22.03 6.32 -12.20
CA ARG C 49 23.36 5.82 -11.86
C ARG C 49 23.37 5.46 -10.38
N GLU C 50 23.93 4.29 -10.05
CA GLU C 50 24.05 3.89 -8.66
C GLU C 50 25.02 4.79 -7.93
N ALA C 51 24.56 5.41 -6.87
CA ALA C 51 25.43 6.21 -6.05
C ALA C 51 25.60 5.68 -4.64
N GLU C 52 24.71 4.80 -4.18
CA GLU C 52 24.82 4.15 -2.87
C GLU C 52 24.12 2.82 -2.96
N PHE C 53 24.72 1.82 -2.33
CA PHE C 53 24.03 0.54 -2.15
C PHE C 53 24.61 -0.04 -0.86
N ILE C 54 23.89 0.08 0.23
CA ILE C 54 24.40 -0.33 1.53
C ILE C 54 23.41 -1.30 2.15
N CYS C 55 23.92 -2.39 2.71
N CYS C 55 23.92 -2.44 2.59
CA CYS C 55 23.11 -3.38 3.41
CA CYS C 55 23.20 -3.37 3.44
C CYS C 55 23.65 -3.53 4.84
C CYS C 55 23.74 -3.19 4.84
N VAL C 56 22.85 -3.13 5.82
CA VAL C 56 23.27 -3.01 7.22
C VAL C 56 22.78 -4.22 7.98
N CYS C 57 23.71 -4.90 8.66
CA CYS C 57 23.37 -6.08 9.45
C CYS C 57 24.50 -6.40 10.42
N ASP C 58 24.18 -7.34 11.29
CA ASP C 58 25.19 -8.04 12.07
C ASP C 58 25.58 -9.28 11.25
N ILE C 59 26.82 -9.29 10.75
CA ILE C 59 27.28 -10.36 9.86
C ILE C 59 27.15 -11.71 10.53
N SER C 60 27.35 -11.73 11.85
CA SER C 60 27.37 -12.97 12.61
C SER C 60 25.98 -13.60 12.74
N LYS C 61 24.91 -12.82 12.54
CA LYS C 61 23.55 -13.34 12.61
C LYS C 61 23.03 -13.74 11.25
N GLU C 62 23.75 -13.45 10.18
CA GLU C 62 23.25 -13.65 8.84
C GLU C 62 23.89 -14.89 8.23
N ASN C 63 23.23 -15.41 7.24
CA ASN C 63 23.73 -16.61 6.61
C ASN C 63 24.96 -16.27 5.81
N LYS C 64 25.98 -17.09 5.80
CA LYS C 64 27.19 -16.76 5.08
C LYS C 64 27.08 -16.61 3.60
N GLU C 65 26.31 -17.47 2.97
CA GLU C 65 26.13 -17.38 1.54
C GLU C 65 25.46 -16.04 1.20
N VAL C 66 24.52 -15.60 2.01
CA VAL C 66 23.90 -14.31 1.77
C VAL C 66 24.95 -13.21 1.78
N ILE C 67 25.75 -13.14 2.86
CA ILE C 67 26.82 -12.16 2.95
C ILE C 67 27.78 -12.27 1.77
N GLN C 68 28.16 -13.51 1.40
CA GLN C 68 29.07 -13.67 0.26
C GLN C 68 28.46 -13.15 -1.03
N GLU C 69 27.17 -13.44 -1.26
CA GLU C 69 26.53 -13.00 -2.49
C GLU C 69 26.47 -11.48 -2.57
N LEU C 70 26.19 -10.83 -1.43
CA LEU C 70 26.22 -9.36 -1.39
C LEU C 70 27.60 -8.83 -1.73
N ASN C 71 28.65 -9.40 -1.13
CA ASN C 71 30.01 -9.00 -1.48
C ASN C 71 30.27 -9.15 -2.97
N ASN C 72 29.82 -10.25 -3.56
CA ASN C 72 30.08 -10.50 -4.98
C ASN C 72 29.33 -9.52 -5.88
N CYS C 73 28.17 -9.04 -5.43
CA CYS C 73 27.42 -8.02 -6.14
C CYS C 73 28.06 -6.64 -6.03
N GLN C 74 29.13 -6.50 -5.25
CA GLN C 74 29.88 -5.24 -5.13
C GLN C 74 29.07 -4.15 -4.46
N VAL C 75 28.22 -4.53 -3.52
CA VAL C 75 27.54 -3.59 -2.67
C VAL C 75 28.18 -3.64 -1.28
N THR C 76 27.91 -2.62 -0.48
CA THR C 76 28.51 -2.51 0.84
C THR C 76 27.72 -3.31 1.86
N VAL C 77 28.40 -4.19 2.60
CA VAL C 77 27.80 -4.88 3.73
C VAL C 77 28.36 -4.21 4.97
N ALA C 78 27.60 -3.30 5.55
CA ALA C 78 28.02 -2.53 6.70
C ALA C 78 27.62 -3.28 7.96
N HIS C 79 28.62 -3.79 8.68
CA HIS C 79 28.37 -4.61 9.85
C HIS C 79 28.17 -3.75 11.09
N ILE C 80 27.13 -4.06 11.87
CA ILE C 80 26.90 -3.44 13.16
C ILE C 80 26.74 -4.56 14.16
N ASN C 81 27.45 -4.46 15.28
CA ASN C 81 27.20 -5.41 16.37
C ASN C 81 25.76 -5.27 16.83
N ALA C 82 24.99 -6.35 16.74
CA ALA C 82 23.59 -6.36 17.12
C ALA C 82 23.36 -6.23 18.62
N THR C 83 24.40 -6.32 19.45
CA THR C 83 24.21 -6.08 20.88
C THR C 83 23.87 -4.63 21.16
N ALA C 84 24.35 -3.71 20.32
CA ALA C 84 23.91 -2.32 20.38
C ALA C 84 22.48 -2.25 19.85
N LYS C 85 21.55 -1.80 20.69
CA LYS C 85 20.13 -2.04 20.38
C LYS C 85 19.61 -1.19 19.23
N ASN C 86 20.26 -0.05 18.92
CA ASN C 86 19.79 0.79 17.83
C ASN C 86 20.91 1.22 16.87
N ALA C 87 22.01 0.48 16.80
CA ALA C 87 23.11 0.89 15.93
C ALA C 87 22.79 0.68 14.45
N ALA C 88 21.92 -0.28 14.13
CA ALA C 88 21.55 -0.52 12.72
C ALA C 88 20.68 0.59 12.15
N ASP C 89 19.62 0.96 12.88
CA ASP C 89 18.79 2.08 12.45
C ASP C 89 19.64 3.32 12.28
N ASP C 90 20.54 3.56 13.24
CA ASP C 90 21.46 4.68 13.18
C ASP C 90 22.31 4.63 11.92
N LYS C 91 22.86 3.47 11.58
CA LYS C 91 23.74 3.39 10.42
C LYS C 91 22.99 3.74 9.15
N LEU C 92 21.75 3.27 9.03
CA LEU C 92 20.99 3.56 7.83
C LEU C 92 20.56 5.02 7.76
N ARG C 93 20.15 5.59 8.90
CA ARG C 93 19.83 7.02 8.93
C ARG C 93 21.03 7.86 8.53
N GLN C 94 22.20 7.54 9.09
CA GLN C 94 23.43 8.27 8.75
C GLN C 94 23.71 8.20 7.26
N SER C 95 23.58 7.01 6.67
CA SER C 95 23.87 6.85 5.24
C SER C 95 22.88 7.62 4.37
N MSE C 96 21.60 7.62 4.75
CA MSE C 96 20.60 8.40 4.01
C MSE C 96 20.79 9.90 4.13
O MSE C 96 20.63 10.63 3.16
CB MSE C 96 19.19 7.98 4.46
CG MSE C 96 18.70 6.69 3.78
SE MSE C 96 16.87 6.27 4.36
CE MSE C 96 17.31 5.69 6.08
N ARG C 97 21.15 10.38 5.34
CA ARG C 97 21.46 11.80 5.50
C ARG C 97 22.68 12.18 4.70
N ARG C 98 23.69 11.32 4.70
CA ARG C 98 24.87 11.56 3.87
C ARG C 98 24.50 11.64 2.39
N PHE C 99 23.66 10.70 1.92
CA PHE C 99 23.16 10.79 0.54
C PHE C 99 22.44 12.11 0.31
N ALA C 100 21.65 12.56 1.29
CA ALA C 100 20.89 13.78 1.07
C ALA C 100 21.80 15.00 1.02
N ASN C 101 22.92 14.95 1.75
CA ASN C 101 23.91 16.02 1.78
C ASN C 101 24.82 16.02 0.56
N THR C 102 24.96 14.88 -0.12
CA THR C 102 25.82 14.76 -1.30
C THR C 102 25.10 15.12 -2.59
N HIS C 103 23.86 14.70 -2.75
CA HIS C 103 23.15 14.78 -4.00
C HIS C 103 22.05 15.81 -3.91
N THR C 104 21.73 16.37 -5.04
CA THR C 104 20.63 17.30 -5.19
C THR C 104 19.65 16.69 -6.17
N ALA C 105 18.41 17.13 -6.10
CA ALA C 105 17.37 16.58 -6.94
C ALA C 105 17.67 16.88 -8.41
N PRO C 106 17.26 15.99 -9.33
CA PRO C 106 16.52 14.72 -9.10
C PRO C 106 17.40 13.58 -8.58
N ALA C 107 16.88 12.84 -7.61
CA ALA C 107 17.55 11.68 -7.05
C ALA C 107 16.47 10.74 -6.53
N THR C 108 16.79 9.47 -6.45
CA THR C 108 15.87 8.46 -5.97
C THR C 108 16.49 7.72 -4.78
N VAL C 109 15.68 7.48 -3.76
CA VAL C 109 16.11 6.71 -2.60
C VAL C 109 15.23 5.47 -2.49
N VAL C 110 15.86 4.30 -2.39
CA VAL C 110 15.13 3.06 -2.19
C VAL C 110 15.44 2.57 -0.78
N LEU C 111 14.44 2.55 0.10
CA LEU C 111 14.65 2.04 1.45
C LEU C 111 13.97 0.67 1.54
N VAL C 112 14.75 -0.35 1.90
CA VAL C 112 14.21 -1.69 2.05
C VAL C 112 14.11 -1.96 3.54
N SER C 113 12.97 -1.61 4.14
CA SER C 113 12.78 -1.76 5.57
C SER C 113 11.29 -1.71 5.87
N THR C 114 10.95 -2.15 7.09
CA THR C 114 9.61 -1.98 7.65
C THR C 114 9.60 -1.06 8.86
N ASP C 115 10.75 -0.47 9.21
CA ASP C 115 10.93 0.13 10.52
C ASP C 115 10.37 1.55 10.53
N VAL C 116 9.29 1.76 11.30
CA VAL C 116 8.63 3.06 11.40
C VAL C 116 9.60 4.17 11.80
N ASN C 117 10.70 3.81 12.48
CA ASN C 117 11.65 4.82 12.91
C ASN C 117 12.36 5.52 11.75
N PHE C 118 12.18 5.07 10.51
CA PHE C 118 12.75 5.78 9.38
C PHE C 118 11.79 6.78 8.74
N ALA C 119 10.57 6.92 9.29
CA ALA C 119 9.58 7.82 8.70
C ALA C 119 10.15 9.22 8.48
N LEU C 120 10.80 9.78 9.50
CA LEU C 120 11.33 11.13 9.39
C LEU C 120 12.29 11.24 8.21
N GLU C 121 13.18 10.26 8.05
CA GLU C 121 14.09 10.31 6.91
C GLU C 121 13.32 10.36 5.61
N LEU C 122 12.35 9.45 5.46
CA LEU C 122 11.63 9.42 4.19
C LEU C 122 10.97 10.76 3.96
N SER C 123 10.39 11.32 5.02
CA SER C 123 9.70 12.60 4.87
C SER C 123 10.68 13.68 4.45
N ASP C 124 11.78 13.82 5.22
CA ASP C 124 12.75 14.87 4.92
C ASP C 124 13.28 14.68 3.50
N LEU C 125 13.60 13.43 3.14
CA LEU C 125 14.25 13.26 1.85
C LEU C 125 13.27 13.56 0.72
N ARG C 126 11.99 13.26 0.94
CA ARG C 126 11.00 13.59 -0.08
C ARG C 126 10.75 15.09 -0.15
N HIS C 127 10.57 15.74 1.01
CA HIS C 127 10.04 17.10 0.95
C HIS C 127 11.11 18.17 1.06
N ARG C 128 12.09 18.00 1.95
CA ARG C 128 13.16 18.96 2.09
C ARG C 128 14.22 18.81 1.02
N HIS C 129 14.30 17.64 0.39
CA HIS C 129 15.31 17.43 -0.65
C HIS C 129 14.72 17.17 -2.03
N GLY C 130 13.41 16.97 -2.16
CA GLY C 130 12.83 16.73 -3.46
C GLY C 130 13.12 15.36 -4.05
N PHE C 131 13.57 14.41 -3.24
CA PHE C 131 13.94 13.10 -3.79
C PHE C 131 12.69 12.26 -4.01
N HIS C 132 12.76 11.35 -4.98
CA HIS C 132 11.72 10.34 -5.17
C HIS C 132 11.96 9.17 -4.21
N ILE C 133 10.94 8.78 -3.44
CA ILE C 133 11.09 7.81 -2.36
C ILE C 133 10.42 6.48 -2.73
N ILE C 134 11.20 5.39 -2.73
CA ILE C 134 10.67 4.04 -2.96
C ILE C 134 10.84 3.23 -1.67
N LEU C 135 9.74 2.74 -1.11
CA LEU C 135 9.77 1.89 0.08
C LEU C 135 9.47 0.45 -0.32
N VAL C 136 10.42 -0.46 -0.05
CA VAL C 136 10.25 -1.89 -0.24
C VAL C 136 10.10 -2.50 1.15
N HIS C 137 8.93 -3.06 1.43
CA HIS C 137 8.57 -3.36 2.81
C HIS C 137 7.87 -4.71 2.89
N LYS C 138 7.98 -5.33 4.07
CA LYS C 138 7.19 -6.50 4.36
C LYS C 138 5.79 -6.05 4.81
N ASN C 139 4.86 -6.99 4.88
CA ASN C 139 3.45 -6.64 4.85
C ASN C 139 2.87 -6.18 6.19
N GLN C 140 3.71 -5.91 7.19
CA GLN C 140 3.20 -5.47 8.50
C GLN C 140 3.66 -4.06 8.90
N ALA C 141 4.21 -3.28 7.97
CA ALA C 141 4.76 -1.97 8.33
C ALA C 141 3.65 -0.95 8.53
N SER C 142 3.92 0.02 9.40
CA SER C 142 2.91 1.02 9.74
C SER C 142 2.57 1.90 8.55
N GLU C 143 1.30 2.35 8.53
CA GLU C 143 0.87 3.39 7.62
C GLU C 143 1.70 4.66 7.78
N ALA C 144 2.23 4.89 8.98
CA ALA C 144 3.03 6.09 9.22
C ALA C 144 4.28 6.08 8.36
N LEU C 145 4.91 4.92 8.21
CA LEU C 145 6.07 4.81 7.34
C LEU C 145 5.67 4.86 5.87
N MSE C 146 4.65 4.12 5.51
CA MSE C 146 4.20 4.05 4.15
C MSE C 146 3.73 5.32 3.51
O MSE C 146 3.84 5.51 2.32
CB MSE C 146 3.08 3.03 3.99
CG MSE C 146 3.70 1.65 4.05
SE MSE C 146 2.39 0.16 4.03
CE MSE C 146 3.42 -0.69 5.41
N HIS C 147 3.16 6.17 4.31
CA HIS C 147 2.60 7.43 3.83
C HIS C 147 3.64 8.32 3.17
N HIS C 148 4.89 8.24 3.60
CA HIS C 148 5.88 9.14 3.01
C HIS C 148 6.41 8.68 1.66
N ALA C 149 6.24 7.41 1.30
CA ALA C 149 6.85 6.93 0.06
C ALA C 149 6.05 7.38 -1.16
N ASN C 150 6.76 7.65 -2.27
CA ASN C 150 6.10 7.85 -3.55
C ASN C 150 5.65 6.52 -4.15
N GLN C 151 6.45 5.47 -3.99
CA GLN C 151 6.05 4.14 -4.43
C GLN C 151 6.33 3.13 -3.35
N LEU C 152 5.36 2.24 -3.16
CA LEU C 152 5.43 1.15 -2.19
C LEU C 152 5.50 -0.17 -2.94
N ILE C 153 6.42 -1.03 -2.55
CA ILE C 153 6.64 -2.32 -3.20
C ILE C 153 6.78 -3.39 -2.13
N ARG C 154 6.05 -4.49 -2.30
CA ARG C 154 6.15 -5.57 -1.32
C ARG C 154 7.47 -6.31 -1.51
N PHE C 155 8.22 -6.46 -0.41
CA PHE C 155 9.51 -7.13 -0.45
C PHE C 155 9.41 -8.56 -0.94
N GLU C 156 8.24 -9.18 -0.78
CA GLU C 156 8.06 -10.56 -1.23
C GLU C 156 8.38 -10.71 -2.71
N GLU C 157 8.08 -9.67 -3.50
CA GLU C 157 8.42 -9.63 -4.92
C GLU C 157 9.87 -10.03 -5.20
N PHE C 158 10.78 -9.72 -4.28
CA PHE C 158 12.20 -9.91 -4.54
C PHE C 158 12.70 -11.27 -4.07
N ILE C 159 11.89 -12.01 -3.31
CA ILE C 159 12.36 -13.22 -2.68
C ILE C 159 11.43 -14.39 -3.00
N SER C 160 10.74 -14.30 -4.13
CA SER C 160 9.83 -15.36 -4.56
C SER C 160 10.14 -15.77 -5.99
N ASP C 161 9.91 -17.04 -6.29
CA ASP C 161 10.29 -17.63 -7.58
C ASP C 161 9.66 -16.87 -8.75
N THR D 12 19.74 23.02 -6.02
CA THR D 12 19.11 23.05 -7.34
C THR D 12 17.63 23.43 -7.30
N LEU D 13 16.94 23.17 -6.13
CA LEU D 13 15.54 23.53 -6.05
C LEU D 13 15.36 24.82 -5.27
N PRO D 14 14.49 25.73 -5.69
CA PRO D 14 14.20 26.91 -4.87
C PRO D 14 13.46 26.53 -3.60
N PRO D 15 13.74 27.22 -2.50
CA PRO D 15 13.07 26.92 -1.24
C PRO D 15 11.63 27.43 -1.22
N ILE D 16 10.79 26.69 -0.50
CA ILE D 16 9.43 27.14 -0.20
C ILE D 16 9.24 27.05 1.31
N GLY D 17 8.56 28.03 1.86
CA GLY D 17 8.21 28.01 3.28
C GLY D 17 6.72 28.20 3.46
N VAL D 18 6.15 27.43 4.38
CA VAL D 18 4.73 27.49 4.68
C VAL D 18 4.59 28.01 6.10
N PHE D 19 3.70 28.99 6.28
CA PHE D 19 3.49 29.66 7.57
C PHE D 19 1.98 29.63 7.81
N TRP D 20 1.53 28.80 8.75
CA TRP D 20 0.11 28.50 8.90
C TRP D 20 -0.39 29.05 10.24
N ASP D 21 -1.28 30.03 10.14
CA ASP D 21 -1.96 30.70 11.24
C ASP D 21 -3.18 29.85 11.56
N ILE D 22 -2.98 28.84 12.39
CA ILE D 22 -3.99 27.83 12.68
C ILE D 22 -5.24 28.47 13.25
N GLU D 23 -5.06 29.39 14.19
CA GLU D 23 -6.20 30.09 14.80
C GLU D 23 -7.16 30.76 13.77
N ASN D 24 -6.61 31.37 12.73
CA ASN D 24 -7.40 32.09 11.74
C ASN D 24 -7.81 31.23 10.54
N CYS D 25 -7.10 30.12 10.28
CA CYS D 25 -7.44 29.16 9.23
C CYS D 25 -7.45 27.77 9.89
N SER D 26 -8.50 27.51 10.66
CA SER D 26 -8.54 26.31 11.47
C SER D 26 -9.04 25.12 10.66
N VAL D 27 -8.61 23.94 11.08
CA VAL D 27 -9.06 22.68 10.50
C VAL D 27 -10.41 22.38 11.15
N PRO D 28 -11.51 22.38 10.40
CA PRO D 28 -12.81 22.20 11.04
C PRO D 28 -12.94 20.82 11.65
N SER D 29 -13.75 20.77 12.70
CA SER D 29 -14.06 19.55 13.43
C SER D 29 -14.42 18.40 12.49
N GLY D 30 -13.77 17.25 12.73
CA GLY D 30 -14.01 16.06 11.93
C GLY D 30 -13.06 15.84 10.76
N ARG D 31 -12.36 16.87 10.31
CA ARG D 31 -11.56 16.79 9.10
C ARG D 31 -10.07 16.69 9.40
N SER D 32 -9.32 16.22 8.41
CA SER D 32 -7.93 15.81 8.58
C SER D 32 -6.97 16.97 8.33
N ALA D 33 -6.04 17.17 9.27
CA ALA D 33 -4.94 18.11 9.03
C ALA D 33 -3.91 17.52 8.06
N THR D 34 -3.72 16.20 8.09
CA THR D 34 -2.81 15.55 7.16
C THR D 34 -3.19 15.82 5.71
N THR D 35 -4.47 15.79 5.40
CA THR D 35 -4.89 16.14 4.05
C THR D 35 -4.69 17.62 3.76
N VAL D 36 -4.82 18.51 4.75
CA VAL D 36 -4.49 19.90 4.48
C VAL D 36 -3.03 20.01 4.06
N VAL D 37 -2.13 19.38 4.83
CA VAL D 37 -0.70 19.46 4.52
C VAL D 37 -0.42 18.82 3.15
N GLN D 38 -1.01 17.64 2.91
CA GLN D 38 -0.84 16.98 1.62
C GLN D 38 -1.27 17.87 0.46
N ARG D 39 -2.42 18.54 0.60
CA ARG D 39 -2.91 19.36 -0.51
C ARG D 39 -2.10 20.65 -0.65
N ILE D 40 -1.57 21.19 0.44
CA ILE D 40 -0.65 22.31 0.33
C ILE D 40 0.58 21.90 -0.46
N ARG D 41 1.14 20.74 -0.14
CA ARG D 41 2.36 20.33 -0.84
C ARG D 41 2.08 20.02 -2.31
N GLU D 42 1.01 19.27 -2.60
CA GLU D 42 0.69 18.93 -3.98
C GLU D 42 0.39 20.19 -4.79
N LYS D 43 -0.20 21.19 -4.14
CA LYS D 43 -0.64 22.38 -4.86
C LYS D 43 0.51 23.36 -5.11
N PHE D 44 1.44 23.48 -4.17
CA PHE D 44 2.44 24.53 -4.21
C PHE D 44 3.90 24.05 -4.31
N PHE D 45 4.23 22.81 -3.92
CA PHE D 45 5.62 22.42 -3.73
C PHE D 45 6.31 21.86 -4.96
N ARG D 46 5.62 21.72 -6.09
CA ARG D 46 6.29 21.17 -7.26
C ARG D 46 7.51 22.03 -7.62
N GLY D 47 8.63 21.36 -7.86
CA GLY D 47 9.84 22.06 -8.24
C GLY D 47 10.45 22.92 -7.15
N HIS D 48 10.01 22.75 -5.91
CA HIS D 48 10.58 23.44 -4.76
C HIS D 48 11.09 22.42 -3.77
N ARG D 49 11.94 22.87 -2.87
CA ARG D 49 12.33 22.10 -1.70
C ARG D 49 11.74 22.75 -0.46
N GLU D 50 11.19 21.94 0.45
CA GLU D 50 10.67 22.49 1.70
C GLU D 50 11.80 23.04 2.58
N ALA D 51 11.73 24.32 2.92
CA ALA D 51 12.69 24.94 3.81
C ALA D 51 12.07 25.38 5.11
N GLU D 52 10.75 25.52 5.15
CA GLU D 52 10.05 25.88 6.37
C GLU D 52 8.63 25.34 6.26
N PHE D 53 8.13 24.81 7.36
CA PHE D 53 6.71 24.51 7.45
C PHE D 53 6.34 24.66 8.93
N ILE D 54 5.73 25.78 9.28
CA ILE D 54 5.47 26.08 10.69
C ILE D 54 3.98 26.35 10.88
N CYS D 55 3.37 25.72 11.90
CA CYS D 55 1.97 25.91 12.21
C CYS D 55 1.88 26.45 13.63
N VAL D 56 1.36 27.66 13.75
CA VAL D 56 1.40 28.42 15.00
C VAL D 56 0.01 28.40 15.64
N CYS D 57 -0.07 27.94 16.88
CA CYS D 57 -1.36 27.90 17.57
C CYS D 57 -1.12 27.71 19.06
N ASP D 58 -2.19 27.85 19.84
CA ASP D 58 -2.23 27.38 21.22
C ASP D 58 -2.77 25.96 21.16
N ILE D 59 -1.90 24.97 21.38
CA ILE D 59 -2.30 23.59 21.11
C ILE D 59 -3.34 23.12 22.11
N SER D 60 -3.40 23.73 23.28
CA SER D 60 -4.46 23.39 24.23
C SER D 60 -5.84 23.75 23.70
N LYS D 61 -5.93 24.65 22.72
CA LYS D 61 -7.21 25.01 22.10
C LYS D 61 -7.56 24.17 20.88
N GLU D 62 -6.64 23.34 20.40
CA GLU D 62 -6.86 22.62 19.16
C GLU D 62 -7.23 21.17 19.42
N ASN D 63 -7.88 20.57 18.43
CA ASN D 63 -8.21 19.16 18.52
C ASN D 63 -6.93 18.34 18.58
N LYS D 64 -6.89 17.41 19.50
CA LYS D 64 -5.72 16.61 19.69
C LYS D 64 -5.33 15.79 18.47
N GLU D 65 -6.30 15.24 17.75
CA GLU D 65 -5.92 14.54 16.52
C GLU D 65 -5.36 15.48 15.44
N VAL D 66 -5.81 16.74 15.40
CA VAL D 66 -5.21 17.71 14.49
C VAL D 66 -3.73 17.87 14.79
N ILE D 67 -3.41 18.16 16.07
CA ILE D 67 -2.02 18.27 16.50
C ILE D 67 -1.25 16.98 16.23
N GLN D 68 -1.85 15.82 16.55
CA GLN D 68 -1.13 14.57 16.30
C GLN D 68 -0.82 14.41 14.82
N GLU D 69 -1.79 14.73 13.95
CA GLU D 69 -1.57 14.59 12.52
C GLU D 69 -0.49 15.53 12.02
N LEU D 70 -0.45 16.76 12.55
CA LEU D 70 0.63 17.69 12.19
C LEU D 70 1.99 17.12 12.61
N ASN D 71 2.09 16.61 13.85
CA ASN D 71 3.32 15.95 14.28
C ASN D 71 3.70 14.83 13.31
N ASN D 72 2.71 14.02 12.91
CA ASN D 72 3.00 12.90 12.04
C ASN D 72 3.46 13.34 10.66
N CYS D 73 3.01 14.52 10.21
CA CYS D 73 3.46 15.10 8.94
C CYS D 73 4.87 15.67 9.01
N GLN D 74 5.49 15.68 10.19
CA GLN D 74 6.88 16.11 10.37
C GLN D 74 7.05 17.60 10.08
N VAL D 75 6.02 18.37 10.37
CA VAL D 75 6.08 19.82 10.33
C VAL D 75 6.10 20.35 11.77
N THR D 76 6.45 21.62 11.91
CA THR D 76 6.58 22.24 13.23
C THR D 76 5.24 22.73 13.73
N VAL D 77 4.89 22.30 14.94
CA VAL D 77 3.75 22.84 15.65
C VAL D 77 4.35 23.77 16.69
N ALA D 78 4.37 25.07 16.37
CA ALA D 78 4.94 26.07 17.25
C ALA D 78 3.85 26.53 18.20
N HIS D 79 3.97 26.14 19.47
CA HIS D 79 2.94 26.44 20.44
C HIS D 79 3.15 27.82 21.02
N ILE D 80 2.07 28.58 21.12
CA ILE D 80 2.08 29.86 21.79
C ILE D 80 0.91 29.85 22.76
N ASN D 81 1.19 30.15 24.04
CA ASN D 81 0.10 30.37 25.00
C ASN D 81 -0.79 31.49 24.51
N ALA D 82 -2.09 31.26 24.46
CA ALA D 82 -2.96 32.34 24.03
C ALA D 82 -2.90 33.50 25.02
N THR D 83 -2.41 33.26 26.24
CA THR D 83 -2.15 34.32 27.21
C THR D 83 -0.94 35.17 26.83
N ALA D 84 -0.01 34.64 26.03
CA ALA D 84 1.07 35.45 25.46
C ALA D 84 0.52 36.33 24.35
N LYS D 85 0.06 37.54 24.68
CA LYS D 85 -0.71 38.32 23.74
C LYS D 85 0.13 38.75 22.54
N ASN D 86 -0.47 38.60 21.36
CA ASN D 86 0.15 38.85 20.06
C ASN D 86 1.45 38.06 19.86
N ALA D 87 1.71 37.03 20.69
CA ALA D 87 2.90 36.23 20.49
C ALA D 87 2.74 35.30 19.29
N ALA D 88 1.52 34.95 18.93
CA ALA D 88 1.31 34.13 17.73
C ALA D 88 1.62 34.92 16.46
N ASP D 89 1.10 36.15 16.37
CA ASP D 89 1.46 37.01 15.25
C ASP D 89 2.96 37.23 15.20
N ASP D 90 3.58 37.52 16.36
CA ASP D 90 5.02 37.67 16.42
C ASP D 90 5.75 36.41 15.97
N LYS D 91 5.27 35.23 16.36
CA LYS D 91 5.98 34.02 15.96
C LYS D 91 5.94 33.86 14.45
N LEU D 92 4.81 34.20 13.82
CA LEU D 92 4.74 34.03 12.37
C LEU D 92 5.59 35.07 11.66
N ARG D 93 5.54 36.33 12.11
CA ARG D 93 6.41 37.38 11.56
C ARG D 93 7.87 37.00 11.73
N GLN D 94 8.24 36.51 12.91
CA GLN D 94 9.61 36.12 13.15
C GLN D 94 10.05 35.02 12.18
N SER D 95 9.21 34.01 11.98
CA SER D 95 9.58 32.90 11.10
C SER D 95 9.70 33.34 9.66
N MSE D 96 8.82 34.25 9.22
CA MSE D 96 8.90 34.77 7.86
C MSE D 96 10.12 35.66 7.66
O MSE D 96 10.78 35.55 6.63
CB MSE D 96 7.61 35.52 7.51
CG MSE D 96 6.46 34.54 7.17
SE MSE D 96 4.91 35.54 6.49
CE MSE D 96 4.32 36.19 8.17
N ARG D 97 10.45 36.51 8.65
CA ARG D 97 11.68 37.30 8.56
C ARG D 97 12.92 36.40 8.54
N ARG D 98 12.93 35.36 9.37
CA ARG D 98 14.04 34.39 9.36
C ARG D 98 14.19 33.74 7.98
N PHE D 99 13.06 33.33 7.39
CA PHE D 99 13.10 32.79 6.04
C PHE D 99 13.68 33.81 5.07
N ALA D 100 13.30 35.09 5.21
CA ALA D 100 13.78 36.09 4.27
C ALA D 100 15.26 36.36 4.45
N ASN D 101 15.75 36.24 5.66
CA ASN D 101 17.16 36.42 5.98
C ASN D 101 18.03 35.23 5.60
N THR D 102 17.44 34.04 5.50
CA THR D 102 18.16 32.81 5.16
C THR D 102 18.26 32.59 3.67
N HIS D 103 17.19 32.89 2.93
CA HIS D 103 17.10 32.53 1.53
C HIS D 103 17.13 33.76 0.63
N THR D 104 17.56 33.55 -0.60
CA THR D 104 17.55 34.59 -1.61
C THR D 104 16.68 34.10 -2.76
N ALA D 105 16.15 35.05 -3.52
CA ALA D 105 15.25 34.71 -4.59
C ALA D 105 16.04 33.89 -5.61
N PRO D 106 15.36 32.97 -6.31
CA PRO D 106 13.92 32.68 -6.24
C PRO D 106 13.51 31.86 -5.00
N ALA D 107 12.42 32.27 -4.38
CA ALA D 107 11.87 31.58 -3.22
C ALA D 107 10.38 31.86 -3.18
N THR D 108 9.62 30.96 -2.58
CA THR D 108 8.19 31.08 -2.48
C THR D 108 7.77 31.02 -1.01
N VAL D 109 6.84 31.88 -0.63
CA VAL D 109 6.28 31.90 0.71
C VAL D 109 4.80 31.58 0.61
N VAL D 110 4.32 30.62 1.40
CA VAL D 110 2.89 30.34 1.47
C VAL D 110 2.44 30.74 2.86
N LEU D 111 1.60 31.76 2.94
CA LEU D 111 1.05 32.21 4.21
C LEU D 111 -0.41 31.76 4.26
N VAL D 112 -0.76 31.00 5.29
CA VAL D 112 -2.13 30.51 5.47
C VAL D 112 -2.72 31.37 6.59
N SER D 113 -3.34 32.50 6.22
CA SER D 113 -3.86 33.41 7.24
C SER D 113 -4.89 34.34 6.60
N THR D 114 -5.64 35.02 7.46
CA THR D 114 -6.52 36.12 7.02
C THR D 114 -6.11 37.45 7.64
N ASP D 115 -5.06 37.48 8.44
CA ASP D 115 -4.81 38.57 9.38
C ASP D 115 -4.07 39.71 8.68
N VAL D 116 -4.72 40.88 8.61
CA VAL D 116 -4.14 42.07 7.99
C VAL D 116 -2.81 42.44 8.64
N ASN D 117 -2.57 41.99 9.87
CA ASN D 117 -1.32 42.30 10.55
C ASN D 117 -0.10 41.70 9.85
N PHE D 118 -0.27 40.86 8.85
CA PHE D 118 0.87 40.33 8.11
C PHE D 118 1.10 41.05 6.80
N ALA D 119 0.29 42.07 6.48
CA ALA D 119 0.43 42.76 5.20
C ALA D 119 1.87 43.23 4.97
N LEU D 120 2.47 43.90 5.97
CA LEU D 120 3.83 44.40 5.80
C LEU D 120 4.77 43.27 5.42
N GLU D 121 4.66 42.15 6.13
CA GLU D 121 5.54 41.02 5.84
C GLU D 121 5.36 40.56 4.40
N LEU D 122 4.10 40.44 3.93
CA LEU D 122 3.89 39.97 2.56
C LEU D 122 4.51 40.94 1.56
N SER D 123 4.34 42.25 1.80
CA SER D 123 4.90 43.26 0.90
C SER D 123 6.42 43.20 0.90
N ASP D 124 7.03 43.27 2.10
CA ASP D 124 8.49 43.25 2.20
C ASP D 124 9.06 42.00 1.53
N LEU D 125 8.42 40.84 1.75
CA LEU D 125 8.94 39.61 1.20
C LEU D 125 8.82 39.61 -0.32
N ARG D 126 7.73 40.17 -0.84
CA ARG D 126 7.55 40.22 -2.29
C ARG D 126 8.50 41.21 -2.93
N HIS D 127 8.57 42.43 -2.42
CA HIS D 127 9.25 43.50 -3.14
C HIS D 127 10.68 43.71 -2.67
N ARG D 128 10.93 43.67 -1.36
CA ARG D 128 12.29 43.80 -0.86
C ARG D 128 13.09 42.52 -0.98
N HIS D 129 12.45 41.36 -1.09
CA HIS D 129 13.22 40.13 -1.23
C HIS D 129 12.98 39.42 -2.56
N GLY D 130 12.01 39.85 -3.36
CA GLY D 130 11.77 39.20 -4.64
C GLY D 130 11.10 37.85 -4.57
N PHE D 131 10.48 37.52 -3.45
CA PHE D 131 9.88 36.20 -3.28
C PHE D 131 8.51 36.17 -3.95
N HIS D 132 8.09 34.97 -4.36
CA HIS D 132 6.73 34.74 -4.82
C HIS D 132 5.82 34.51 -3.63
N ILE D 133 4.69 35.22 -3.56
CA ILE D 133 3.80 35.21 -2.39
C ILE D 133 2.50 34.47 -2.71
N ILE D 134 2.20 33.42 -1.93
CA ILE D 134 0.92 32.71 -2.03
C ILE D 134 0.16 32.93 -0.73
N LEU D 135 -1.04 33.52 -0.82
CA LEU D 135 -1.90 33.73 0.33
C LEU D 135 -3.08 32.76 0.27
N VAL D 136 -3.19 31.91 1.29
CA VAL D 136 -4.29 30.97 1.46
C VAL D 136 -5.14 31.51 2.59
N HIS D 137 -6.40 31.87 2.29
CA HIS D 137 -7.18 32.65 3.24
C HIS D 137 -8.62 32.16 3.26
N LYS D 138 -9.28 32.35 4.40
CA LYS D 138 -10.70 32.11 4.49
C LYS D 138 -11.50 33.32 3.98
N ASN D 139 -12.82 33.21 4.07
CA ASN D 139 -13.71 34.34 3.84
C ASN D 139 -13.86 35.17 5.11
N GLN D 140 -13.65 36.48 5.01
CA GLN D 140 -13.03 37.09 3.84
C GLN D 140 -11.90 37.93 4.39
N ALA D 141 -10.66 37.59 4.04
CA ALA D 141 -9.53 38.40 4.46
C ALA D 141 -9.70 39.81 3.92
N SER D 142 -9.23 40.80 4.69
CA SER D 142 -9.36 42.17 4.22
C SER D 142 -8.43 42.41 3.05
N GLU D 143 -8.75 43.47 2.29
CA GLU D 143 -8.09 43.74 1.03
C GLU D 143 -6.59 43.98 1.21
N ALA D 144 -6.20 44.62 2.32
CA ALA D 144 -4.82 45.07 2.45
C ALA D 144 -3.84 43.92 2.38
N LEU D 145 -4.19 42.78 2.97
CA LEU D 145 -3.34 41.59 2.88
C LEU D 145 -3.39 41.00 1.49
N MSE D 146 -4.59 40.75 1.00
CA MSE D 146 -4.76 40.11 -0.29
C MSE D 146 -4.04 40.80 -1.46
O MSE D 146 -3.54 40.13 -2.35
CB MSE D 146 -6.26 39.96 -0.61
CG MSE D 146 -6.87 38.70 0.00
SE MSE D 146 -8.81 38.74 0.15
CE MSE D 146 -9.27 38.47 -1.71
N HIS D 147 -3.98 42.14 -1.46
CA HIS D 147 -3.34 42.82 -2.57
C HIS D 147 -1.85 42.50 -2.66
N HIS D 148 -1.20 42.11 -1.56
CA HIS D 148 0.23 41.83 -1.71
C HIS D 148 0.54 40.48 -2.31
N ALA D 149 -0.39 39.54 -2.35
CA ALA D 149 -0.06 38.22 -2.82
C ALA D 149 0.08 38.20 -4.34
N ASN D 150 1.01 37.37 -4.82
CA ASN D 150 1.07 37.01 -6.23
C ASN D 150 -0.07 36.05 -6.60
N GLN D 151 -0.41 35.12 -5.70
CA GLN D 151 -1.54 34.22 -5.91
C GLN D 151 -2.40 34.12 -4.65
N LEU D 152 -3.72 34.14 -4.84
CA LEU D 152 -4.71 34.02 -3.79
C LEU D 152 -5.45 32.69 -3.93
N ILE D 153 -5.59 31.96 -2.82
CA ILE D 153 -6.26 30.65 -2.83
C ILE D 153 -7.20 30.61 -1.64
N ARG D 154 -8.44 30.17 -1.87
CA ARG D 154 -9.38 29.99 -0.78
C ARG D 154 -8.98 28.79 0.09
N PHE D 155 -8.95 29.00 1.41
CA PHE D 155 -8.64 27.93 2.34
C PHE D 155 -9.69 26.82 2.30
N GLU D 156 -10.91 27.14 1.87
CA GLU D 156 -11.97 26.13 1.80
C GLU D 156 -11.55 24.96 0.92
N GLU D 157 -10.68 25.19 -0.05
CA GLU D 157 -10.24 24.12 -0.94
C GLU D 157 -9.43 23.05 -0.24
N PHE D 158 -8.85 23.35 0.93
CA PHE D 158 -7.99 22.39 1.61
C PHE D 158 -8.71 21.57 2.66
N ILE D 159 -9.95 21.93 2.98
CA ILE D 159 -10.66 21.36 4.13
C ILE D 159 -12.01 20.80 3.71
N SER D 160 -12.13 20.33 2.47
CA SER D 160 -13.39 19.72 2.05
C SER D 160 -13.14 18.36 1.43
C1 GOL E . 5.32 -13.69 -21.17
O1 GOL E . 4.78 -14.60 -22.10
C2 GOL E . 6.83 -13.86 -21.05
O2 GOL E . 7.49 -13.19 -22.12
C3 GOL E . 7.29 -13.26 -19.72
O3 GOL E . 8.44 -13.96 -19.29
C1 GOL F . 6.52 -8.15 -25.94
O1 GOL F . 6.99 -7.40 -27.03
C2 GOL F . 7.45 -8.26 -24.71
O2 GOL F . 6.89 -7.51 -23.66
C3 GOL F . 8.87 -7.76 -24.92
O3 GOL F . 9.57 -8.07 -23.73
C1 GOL G . 8.36 9.35 -19.77
O1 GOL G . 9.11 9.01 -18.64
C2 GOL G . 8.16 8.08 -20.57
O2 GOL G . 7.00 7.42 -20.11
C3 GOL G . 8.03 8.43 -22.05
O3 GOL G . 7.77 7.24 -22.78
C1 GOL H . 0.40 -24.96 31.03
O1 GOL H . 0.50 -24.94 32.45
C2 GOL H . -1.06 -24.89 30.64
O2 GOL H . -1.44 -23.52 30.60
C3 GOL H . -1.31 -25.53 29.28
O3 GOL H . -2.69 -25.71 29.08
C1 GOL I . -16.18 -23.41 23.63
O1 GOL I . -17.40 -23.64 24.28
C2 GOL I . -15.17 -22.64 24.50
O2 GOL I . -14.41 -23.56 25.26
C3 GOL I . -15.88 -21.67 25.42
O3 GOL I . -16.45 -20.63 24.65
C1 GOL J . -10.85 -24.48 25.00
O1 GOL J . -9.95 -23.83 25.85
C2 GOL J . -11.57 -23.40 24.21
O2 GOL J . -11.76 -22.25 25.00
C3 GOL J . -10.74 -23.08 22.99
O3 GOL J . -11.33 -23.71 21.88
C1 GOL K . 9.16 16.68 -6.28
O1 GOL K . 7.89 17.28 -6.44
C2 GOL K . 10.24 17.61 -6.81
O2 GOL K . 10.54 18.70 -5.96
C3 GOL K . 11.46 16.82 -7.19
O3 GOL K . 12.59 17.62 -6.99
C1 GOL L . 12.61 3.54 -10.88
O1 GOL L . 13.06 4.40 -9.83
C2 GOL L . 11.90 4.29 -11.99
O2 GOL L . 12.24 5.65 -11.93
C3 GOL L . 12.31 3.68 -13.33
O3 GOL L . 13.46 4.33 -13.82
C1 GOL M . 3.54 15.50 -5.18
O1 GOL M . 2.95 14.21 -5.25
C2 GOL M . 5.06 15.39 -5.12
O2 GOL M . 5.62 16.46 -4.40
C3 GOL M . 5.52 14.10 -4.46
O3 GOL M . 6.83 14.29 -3.94
C1 GOL N . 3.48 12.82 2.71
O1 GOL N . 4.87 12.74 3.02
C2 GOL N . 3.26 12.59 1.23
O2 GOL N . 3.45 13.80 0.52
C3 GOL N . 1.83 12.08 0.98
O3 GOL N . 1.85 11.08 -0.02
C1 GOL O . 8.22 7.48 -10.78
O1 GOL O . 7.00 7.81 -10.16
C2 GOL O . 8.80 8.68 -11.54
O2 GOL O . 8.40 9.86 -10.88
C3 GOL O . 10.32 8.61 -11.55
O3 GOL O . 10.79 7.54 -12.33
C1 GOL P . 13.75 6.24 -17.39
O1 GOL P . 14.20 6.00 -16.07
C2 GOL P . 12.79 7.42 -17.40
O2 GOL P . 11.76 7.22 -16.46
C3 GOL P . 12.22 7.56 -18.79
O3 GOL P . 10.90 8.04 -18.73
C1 GOL Q . -12.94 34.31 -2.25
O1 GOL Q . -12.30 33.78 -3.40
C2 GOL Q . -11.93 35.23 -1.60
O2 GOL Q . -11.28 35.97 -2.61
C3 GOL Q . -12.71 36.14 -0.68
O3 GOL Q . -11.95 37.26 -0.33
#